data_2WUZ
#
_entry.id   2WUZ
#
_cell.length_a   74.858
_cell.length_b   92.574
_cell.length_c   78.277
_cell.angle_alpha   90.00
_cell.angle_beta   102.14
_cell.angle_gamma   90.00
#
_symmetry.space_group_name_H-M   'P 1 21 1'
#
loop_
_entity.id
_entity.type
_entity.pdbx_description
1 polymer 'LANOSTEROL 14-ALPHA-DEMETHYLASE, PUTATIVE'
2 non-polymer 'PROTOPORPHYRIN IX CONTAINING FE'
3 non-polymer 2-(2,4-DIFLUOROPHENYL)-1,3-DI(1H-1,2,4-TRIAZOL-1-YL)PROPAN-2-OL
4 water water
#
_entity_poly.entity_id   1
_entity_poly.type   'polypeptide(L)'
_entity_poly.pdbx_seq_one_letter_code
;MAKKKKKKSFNTTRPTDPPVYPVTVPFLGHIVQFGKNPLEFMQRCKRDLKSGVFTISIGGQRVTIVGDPHEHSRFFSPRN
EILSPREVYTIMTPVFGEGVAYAAPYPRMREQLNFLAEELTIAKFQNFVPAIQHEVRKFMAENWKEDEGVINLLEDCGAM
IINTACQCLFGEDLRKRLNARHFAQLLSKMESSLIPAAVFMPWLLRLPLPQSARCREARAELQKILGEIIVAREKEEASK
DNNTSDLLGGLLKAVYRDGTRMSLHEVCGMIVAAMFAGQHTSTITTSWSMLHLMHPKNKKWLDKLHKEIDEFPAQLNYDN
VMDEMPFAERCVRESIRRDPPLLMVMRMVKAEVKVGSYVVPKGDIIACSPLLSHHDEEAFPNPRLWDPERDEKVDGAFIG
FGAGVHKCIGQKFALLQVKTILATAFREYDFQLLRDEVPDPDYHTMVVGPTLNQCLVKYTRKKKLPSHHHHHH
;
_entity_poly.pdbx_strand_id   A,B
#
loop_
_chem_comp.id
_chem_comp.type
_chem_comp.name
_chem_comp.formula
HEM non-polymer 'PROTOPORPHYRIN IX CONTAINING FE' 'C34 H32 Fe N4 O4'
TPF non-polymer 2-(2,4-DIFLUOROPHENYL)-1,3-DI(1H-1,2,4-TRIAZOL-1-YL)PROPAN-2-OL 'C13 H12 F2 N6 O'
#
# COMPACT_ATOMS: atom_id res chain seq x y z
N THR A 13 18.70 -34.39 -7.10
CA THR A 13 20.18 -34.33 -7.27
C THR A 13 20.76 -35.10 -8.48
N ARG A 14 21.29 -34.34 -9.46
CA ARG A 14 22.33 -34.83 -10.38
C ARG A 14 23.69 -34.47 -9.76
N PRO A 15 24.75 -35.23 -10.08
CA PRO A 15 26.17 -34.91 -9.72
C PRO A 15 26.84 -33.66 -10.34
N THR A 16 26.13 -32.91 -11.18
CA THR A 16 26.60 -31.64 -11.75
C THR A 16 25.61 -30.53 -11.30
N ASP A 17 25.52 -30.38 -9.98
CA ASP A 17 24.59 -29.46 -9.37
C ASP A 17 25.43 -28.74 -8.35
N PRO A 18 25.19 -27.43 -8.22
CA PRO A 18 25.75 -26.67 -7.14
C PRO A 18 25.34 -27.27 -5.79
N PRO A 19 26.24 -27.22 -4.81
CA PRO A 19 25.83 -27.69 -3.52
C PRO A 19 24.54 -26.97 -3.11
N VAL A 20 23.66 -27.67 -2.43
CA VAL A 20 22.38 -27.12 -1.93
C VAL A 20 22.54 -26.80 -0.41
N TYR A 21 22.13 -25.60 0.02
CA TYR A 21 22.09 -25.33 1.46
C TYR A 21 21.01 -26.22 2.11
N PRO A 22 21.33 -26.89 3.25
CA PRO A 22 20.31 -27.81 3.75
C PRO A 22 19.01 -27.08 4.13
N VAL A 23 17.87 -27.67 3.77
CA VAL A 23 16.58 -27.11 4.12
C VAL A 23 15.95 -27.83 5.30
N THR A 24 15.47 -27.05 6.26
CA THR A 24 14.48 -27.56 7.19
C THR A 24 13.26 -26.73 6.80
N VAL A 25 12.09 -27.05 7.36
CA VAL A 25 10.82 -26.41 6.90
C VAL A 25 10.68 -26.41 5.37
N PRO A 26 10.34 -27.58 4.79
CA PRO A 26 10.29 -27.67 3.32
C PRO A 26 9.54 -26.53 2.65
N PHE A 27 8.30 -26.28 3.08
CA PHE A 27 7.43 -25.31 2.43
C PHE A 27 8.04 -23.93 2.23
N LEU A 28 8.97 -23.54 3.10
CA LEU A 28 9.56 -22.21 3.03
C LEU A 28 10.76 -22.05 2.08
N GLY A 29 11.61 -23.02 1.81
CA GLY A 29 12.60 -23.53 2.76
C GLY A 29 13.41 -22.40 3.44
N HIS A 30 14.15 -21.57 2.69
CA HIS A 30 14.94 -20.46 3.26
C HIS A 30 14.38 -19.01 3.13
N ILE A 31 13.10 -18.86 2.85
CA ILE A 31 12.57 -17.55 2.63
C ILE A 31 12.66 -16.63 3.86
N VAL A 32 12.50 -17.17 5.07
CA VAL A 32 12.56 -16.35 6.28
C VAL A 32 13.97 -15.78 6.52
N GLN A 33 14.99 -16.62 6.48
CA GLN A 33 16.37 -16.16 6.69
C GLN A 33 16.79 -15.21 5.58
N PHE A 34 16.63 -15.66 4.33
CA PHE A 34 16.92 -14.78 3.20
C PHE A 34 16.13 -13.48 3.32
N GLY A 35 14.80 -13.60 3.49
CA GLY A 35 13.91 -12.45 3.76
C GLY A 35 14.46 -11.53 4.83
N LYS A 36 14.91 -12.05 5.98
CA LYS A 36 15.40 -11.25 7.13
C LYS A 36 16.79 -10.54 6.97
N ASN A 37 17.80 -11.24 6.44
CA ASN A 37 19.04 -10.58 6.04
C ASN A 37 19.66 -11.31 4.86
N PRO A 38 19.31 -10.90 3.65
CA PRO A 38 19.85 -11.47 2.42
C PRO A 38 21.38 -11.47 2.43
N LEU A 39 22.02 -10.35 2.71
CA LEU A 39 23.49 -10.30 2.83
C LEU A 39 24.00 -11.37 3.79
N GLU A 40 23.75 -11.21 5.10
CA GLU A 40 24.17 -12.24 6.05
C GLU A 40 23.79 -13.70 5.65
N PHE A 41 22.59 -13.91 5.08
CA PHE A 41 22.19 -15.28 4.76
C PHE A 41 22.96 -15.84 3.56
N MET A 42 23.18 -15.06 2.52
CA MET A 42 23.89 -15.59 1.33
C MET A 42 25.39 -15.76 1.58
N GLN A 43 25.94 -15.01 2.53
CA GLN A 43 27.35 -15.11 2.92
C GLN A 43 27.60 -16.26 3.86
N ARG A 44 26.57 -16.74 4.52
CA ARG A 44 26.74 -17.92 5.34
C ARG A 44 26.71 -19.12 4.38
N CYS A 45 25.85 -19.04 3.36
CA CYS A 45 25.77 -20.09 2.32
C CYS A 45 27.05 -20.24 1.52
N LYS A 46 27.58 -19.12 1.04
CA LYS A 46 28.89 -19.09 0.31
C LYS A 46 30.02 -19.65 1.16
N ARG A 47 30.08 -19.25 2.42
CA ARG A 47 31.14 -19.68 3.34
C ARG A 47 31.08 -21.13 3.83
N ASP A 48 29.90 -21.58 4.30
CA ASP A 48 29.77 -22.94 4.84
C ASP A 48 29.80 -24.05 3.78
N LEU A 49 29.43 -23.73 2.54
CA LEU A 49 29.43 -24.67 1.42
C LEU A 49 30.68 -24.52 0.57
N LYS A 50 31.55 -23.57 0.97
CA LYS A 50 32.88 -23.36 0.33
C LYS A 50 32.77 -23.15 -1.18
N SER A 51 31.66 -22.57 -1.60
CA SER A 51 31.35 -22.46 -3.00
C SER A 51 30.67 -21.16 -3.22
N GLY A 52 31.11 -20.45 -4.26
CA GLY A 52 30.47 -19.25 -4.74
C GLY A 52 29.17 -19.53 -5.45
N VAL A 53 29.03 -20.71 -6.00
CA VAL A 53 27.85 -21.04 -6.77
C VAL A 53 27.04 -22.11 -6.05
N PHE A 54 25.88 -21.73 -5.56
CA PHE A 54 25.06 -22.59 -4.73
C PHE A 54 23.55 -22.46 -5.04
N THR A 55 22.74 -23.29 -4.38
CA THR A 55 21.31 -23.32 -4.66
C THR A 55 20.56 -23.27 -3.35
N ILE A 56 19.72 -22.25 -3.19
CA ILE A 56 18.82 -22.19 -2.02
C ILE A 56 17.43 -22.62 -2.35
N SER A 57 16.58 -22.72 -1.34
CA SER A 57 15.18 -22.96 -1.60
C SER A 57 14.38 -21.77 -1.13
N ILE A 58 13.49 -21.28 -1.99
CA ILE A 58 12.51 -20.26 -1.64
C ILE A 58 11.09 -20.81 -1.92
N GLY A 59 10.31 -20.94 -0.86
CA GLY A 59 9.02 -21.63 -0.94
C GLY A 59 9.00 -22.94 -1.73
N GLY A 60 10.14 -23.60 -1.89
CA GLY A 60 10.19 -24.87 -2.64
C GLY A 60 10.69 -24.74 -4.07
N GLN A 61 10.98 -23.51 -4.52
CA GLN A 61 11.57 -23.25 -5.84
C GLN A 61 13.09 -23.17 -5.72
N ARG A 62 13.83 -23.98 -6.49
CA ARG A 62 15.30 -23.98 -6.40
C ARG A 62 15.82 -22.65 -6.98
N VAL A 63 16.75 -22.02 -6.30
CA VAL A 63 17.29 -20.76 -6.80
C VAL A 63 18.75 -20.90 -6.74
N THR A 64 19.36 -20.93 -7.91
CA THR A 64 20.80 -21.04 -8.01
C THR A 64 21.43 -19.66 -8.08
N ILE A 65 22.22 -19.35 -7.07
CA ILE A 65 22.94 -18.10 -7.04
C ILE A 65 24.32 -18.20 -7.71
N VAL A 66 24.56 -17.34 -8.69
CA VAL A 66 25.89 -17.23 -9.27
C VAL A 66 26.61 -16.16 -8.48
N GLY A 67 27.12 -16.51 -7.28
CA GLY A 67 27.80 -15.58 -6.39
C GLY A 67 29.31 -15.61 -6.49
N ASP A 68 29.83 -16.05 -7.64
CA ASP A 68 31.28 -16.01 -7.87
C ASP A 68 31.41 -14.98 -8.98
N PRO A 69 32.05 -13.85 -8.68
CA PRO A 69 32.17 -12.78 -9.68
C PRO A 69 33.02 -13.16 -10.94
N HIS A 70 33.94 -14.12 -10.85
CA HIS A 70 34.66 -14.54 -12.05
C HIS A 70 33.70 -15.21 -13.02
N GLU A 71 32.57 -15.71 -12.49
CA GLU A 71 31.50 -16.36 -13.30
C GLU A 71 30.30 -15.45 -13.74
N HIS A 72 30.37 -14.15 -13.44
CA HIS A 72 29.32 -13.17 -13.81
C HIS A 72 28.80 -13.24 -15.25
N SER A 73 29.70 -13.31 -16.23
CA SER A 73 29.40 -13.40 -17.66
C SER A 73 28.40 -14.52 -18.05
N ARG A 74 28.57 -15.70 -17.47
CA ARG A 74 27.75 -16.89 -17.79
C ARG A 74 26.30 -16.77 -17.31
N PHE A 75 26.01 -15.69 -16.60
CA PHE A 75 24.68 -15.35 -16.23
C PHE A 75 24.18 -14.24 -17.18
N PHE A 76 25.02 -13.24 -17.42
CA PHE A 76 24.63 -12.05 -18.19
C PHE A 76 24.75 -12.17 -19.72
N SER A 77 25.57 -13.11 -20.18
CA SER A 77 25.76 -13.32 -21.62
C SER A 77 24.59 -14.04 -22.34
N PRO A 78 24.20 -15.26 -21.88
CA PRO A 78 23.22 -16.04 -22.67
C PRO A 78 21.93 -15.28 -23.06
N ARG A 79 21.46 -15.56 -24.27
CA ARG A 79 20.27 -14.94 -24.89
C ARG A 79 19.01 -15.38 -24.19
N ASN A 80 17.92 -14.69 -24.50
CA ASN A 80 16.57 -14.97 -23.95
C ASN A 80 16.07 -16.44 -24.01
N GLU A 81 16.47 -17.22 -25.01
CA GLU A 81 16.02 -18.62 -25.11
C GLU A 81 16.67 -19.53 -24.09
N ILE A 82 17.85 -19.17 -23.59
CA ILE A 82 18.53 -19.97 -22.57
C ILE A 82 18.23 -19.48 -21.16
N LEU A 83 18.52 -18.22 -20.89
CA LEU A 83 18.19 -17.58 -19.62
C LEU A 83 17.12 -16.54 -19.87
N SER A 84 15.92 -16.85 -19.38
CA SER A 84 14.69 -16.13 -19.69
C SER A 84 14.22 -15.17 -18.54
N PRO A 85 13.98 -13.88 -18.87
CA PRO A 85 13.49 -12.88 -17.88
C PRO A 85 11.98 -12.85 -17.67
N ARG A 86 11.22 -13.22 -18.71
CA ARG A 86 9.75 -13.07 -18.76
C ARG A 86 9.06 -13.58 -17.52
N GLU A 87 9.45 -14.77 -17.08
CA GLU A 87 8.83 -15.50 -15.97
C GLU A 87 9.13 -14.84 -14.61
N VAL A 88 10.31 -14.25 -14.50
CA VAL A 88 10.68 -13.54 -13.28
C VAL A 88 10.03 -12.16 -13.23
N TYR A 89 9.69 -11.59 -14.40
CA TYR A 89 9.11 -10.21 -14.51
C TYR A 89 7.60 -10.17 -14.46
N THR A 90 6.99 -11.37 -14.28
CA THR A 90 5.51 -11.61 -14.21
C THR A 90 4.84 -10.76 -13.15
N ILE A 91 5.49 -10.64 -11.97
CA ILE A 91 5.11 -9.68 -10.89
C ILE A 91 4.89 -8.23 -11.29
N MET A 92 5.64 -7.75 -12.28
CA MET A 92 5.60 -6.37 -12.78
C MET A 92 4.50 -6.19 -13.83
N THR A 93 3.83 -7.24 -14.23
CA THR A 93 2.79 -7.08 -15.24
C THR A 93 1.75 -5.99 -14.95
N PRO A 94 1.28 -5.90 -13.69
CA PRO A 94 0.30 -4.85 -13.39
C PRO A 94 0.91 -3.45 -13.30
N VAL A 95 2.22 -3.33 -13.46
CA VAL A 95 2.87 -1.98 -13.49
C VAL A 95 3.16 -1.61 -14.96
N PHE A 96 3.81 -2.50 -15.68
CA PHE A 96 4.24 -2.20 -17.04
C PHE A 96 3.07 -2.20 -17.94
N GLY A 97 2.02 -2.89 -17.49
CA GLY A 97 0.93 -3.15 -18.36
C GLY A 97 1.03 -4.60 -18.74
N GLU A 98 -0.14 -5.24 -18.68
CA GLU A 98 -0.38 -6.61 -19.06
C GLU A 98 0.44 -7.10 -20.26
N GLY A 99 0.13 -7.11 -21.53
CA GLY A 99 1.10 -7.75 -22.45
C GLY A 99 2.30 -6.90 -22.86
N VAL A 100 2.90 -6.18 -21.93
CA VAL A 100 3.91 -5.15 -22.24
C VAL A 100 5.33 -5.56 -21.84
N ALA A 101 6.33 -5.14 -22.63
CA ALA A 101 7.76 -5.27 -22.27
C ALA A 101 8.11 -6.75 -22.10
N TYR A 102 8.57 -7.20 -20.93
CA TYR A 102 8.93 -8.64 -20.76
C TYR A 102 7.80 -9.62 -21.10
N ALA A 103 6.58 -9.11 -21.11
CA ALA A 103 5.39 -9.89 -21.37
C ALA A 103 4.99 -9.86 -22.86
N ALA A 104 5.65 -9.00 -23.65
CA ALA A 104 5.50 -9.11 -25.13
C ALA A 104 6.41 -10.20 -25.69
N PRO A 105 6.19 -10.63 -26.94
CA PRO A 105 7.23 -11.52 -27.46
C PRO A 105 8.56 -10.77 -27.48
N TYR A 106 9.69 -11.49 -27.44
CA TYR A 106 11.04 -10.87 -27.18
C TYR A 106 11.58 -9.77 -28.16
N PRO A 107 11.34 -9.91 -29.49
CA PRO A 107 11.69 -8.85 -30.46
C PRO A 107 10.93 -7.54 -30.26
N ARG A 108 9.64 -7.63 -29.97
CA ARG A 108 8.78 -6.47 -29.68
C ARG A 108 9.17 -5.82 -28.33
N MET A 109 9.61 -6.66 -27.39
CA MET A 109 10.06 -6.20 -26.08
C MET A 109 11.26 -5.31 -26.28
N ARG A 110 12.08 -5.70 -27.24
CA ARG A 110 13.34 -5.04 -27.46
C ARG A 110 13.11 -3.69 -28.10
N GLU A 111 12.28 -3.64 -29.15
CA GLU A 111 11.87 -2.33 -29.71
C GLU A 111 11.31 -1.39 -28.62
N GLN A 112 10.39 -1.90 -27.79
CA GLN A 112 9.83 -1.08 -26.70
C GLN A 112 10.90 -0.50 -25.79
N LEU A 113 11.88 -1.33 -25.42
CA LEU A 113 12.99 -0.87 -24.57
C LEU A 113 13.88 0.13 -25.27
N ASN A 114 14.21 -0.17 -26.54
CA ASN A 114 15.00 0.70 -27.41
C ASN A 114 14.36 2.04 -27.67
N PHE A 115 13.04 2.09 -27.85
CA PHE A 115 12.34 3.39 -27.92
C PHE A 115 12.54 4.26 -26.63
N LEU A 116 12.45 3.63 -25.46
CA LEU A 116 12.84 4.26 -24.18
C LEU A 116 14.34 4.65 -24.14
N ALA A 117 15.20 3.70 -24.54
CA ALA A 117 16.65 3.96 -24.67
C ALA A 117 16.92 5.26 -25.44
N GLU A 118 16.32 5.39 -26.62
CA GLU A 118 16.53 6.55 -27.50
C GLU A 118 15.81 7.86 -27.05
N GLU A 119 15.31 7.86 -25.82
CA GLU A 119 14.79 9.09 -25.21
C GLU A 119 15.64 9.56 -24.03
N LEU A 120 16.60 8.70 -23.59
CA LEU A 120 17.71 9.02 -22.64
C LEU A 120 19.12 8.79 -23.26
N THR A 121 19.35 9.41 -24.43
CA THR A 121 20.55 9.25 -25.27
C THR A 121 20.42 9.99 -26.62
N ILE A 122 21.13 11.09 -26.84
CA ILE A 122 21.80 11.89 -25.82
C ILE A 122 21.92 13.37 -26.25
N ALA A 123 21.31 13.71 -27.39
CA ALA A 123 21.00 15.11 -27.66
C ALA A 123 19.91 15.56 -26.68
N LYS A 124 19.10 14.59 -26.23
CA LYS A 124 18.04 14.86 -25.25
C LYS A 124 18.55 15.39 -23.89
N PHE A 125 19.70 14.88 -23.44
CA PHE A 125 20.42 15.35 -22.23
C PHE A 125 20.78 16.86 -22.15
N GLN A 126 20.83 17.54 -23.28
CA GLN A 126 21.39 18.91 -23.35
C GLN A 126 20.76 19.91 -22.38
N ASN A 127 19.44 19.79 -22.19
CA ASN A 127 18.70 20.64 -21.28
C ASN A 127 18.51 20.08 -19.88
N PHE A 128 19.13 18.93 -19.63
CA PHE A 128 18.86 18.20 -18.39
C PHE A 128 19.53 18.83 -17.15
N VAL A 129 20.83 19.08 -17.21
CA VAL A 129 21.55 19.67 -16.08
C VAL A 129 20.87 20.94 -15.55
N PRO A 130 20.54 21.89 -16.44
CA PRO A 130 19.89 23.07 -15.89
C PRO A 130 18.48 22.85 -15.38
N ALA A 131 17.74 21.91 -15.96
CA ALA A 131 16.44 21.57 -15.43
C ALA A 131 16.53 20.87 -14.05
N ILE A 132 17.56 20.04 -13.85
CA ILE A 132 17.80 19.42 -12.55
C ILE A 132 18.22 20.48 -11.50
N GLN A 133 19.18 21.33 -11.83
CA GLN A 133 19.56 22.43 -10.94
C GLN A 133 18.41 23.32 -10.52
N HIS A 134 17.63 23.79 -11.48
CA HIS A 134 16.46 24.62 -11.18
C HIS A 134 15.52 23.97 -10.16
N GLU A 135 15.20 22.69 -10.34
CA GLU A 135 14.30 21.99 -9.41
C GLU A 135 14.91 21.80 -8.03
N VAL A 136 16.19 21.49 -7.98
CA VAL A 136 16.89 21.36 -6.70
C VAL A 136 16.91 22.69 -5.92
N ARG A 137 17.26 23.79 -6.61
CA ARG A 137 17.31 25.10 -5.96
C ARG A 137 15.93 25.54 -5.47
N LYS A 138 14.90 25.35 -6.29
CA LYS A 138 13.50 25.60 -5.92
C LYS A 138 13.10 24.78 -4.68
N PHE A 139 13.54 23.52 -4.63
CA PHE A 139 13.19 22.67 -3.51
C PHE A 139 13.85 23.14 -2.20
N MET A 140 15.18 23.28 -2.22
CA MET A 140 15.94 23.83 -1.07
C MET A 140 15.38 25.17 -0.62
N ALA A 141 15.12 26.04 -1.59
CA ALA A 141 14.56 27.36 -1.32
C ALA A 141 13.21 27.34 -0.60
N GLU A 142 12.39 26.30 -0.86
CA GLU A 142 11.02 26.20 -0.31
C GLU A 142 10.89 25.34 0.95
N ASN A 143 11.84 24.45 1.16
CA ASN A 143 11.80 23.47 2.24
C ASN A 143 12.92 23.61 3.28
N TRP A 144 14.02 24.23 2.87
CA TRP A 144 15.18 24.38 3.73
C TRP A 144 15.38 25.87 3.85
N LYS A 145 14.31 26.56 4.26
CA LYS A 145 14.26 28.03 4.27
C LYS A 145 15.04 28.59 5.45
N GLU A 146 14.92 27.96 6.62
CA GLU A 146 15.59 28.44 7.84
C GLU A 146 17.12 28.54 7.67
N ASP A 147 17.80 29.11 8.67
CA ASP A 147 19.26 29.11 8.69
C ASP A 147 19.73 27.68 8.99
N GLU A 148 18.91 26.94 9.73
CA GLU A 148 19.22 25.58 10.18
C GLU A 148 17.92 24.89 10.56
N GLY A 149 17.76 23.62 10.16
CA GLY A 149 16.57 22.82 10.51
C GLY A 149 16.78 21.32 10.39
N VAL A 150 15.83 20.54 10.89
CA VAL A 150 15.92 19.07 10.79
C VAL A 150 14.98 18.54 9.73
N ILE A 151 15.56 17.78 8.80
CA ILE A 151 14.84 17.15 7.72
C ILE A 151 15.11 15.66 7.73
N ASN A 152 14.17 14.92 7.18
CA ASN A 152 14.42 13.52 6.91
C ASN A 152 14.93 13.42 5.48
N LEU A 153 16.18 13.03 5.35
CA LEU A 153 16.90 13.17 4.11
C LEU A 153 16.41 12.20 3.04
N LEU A 154 15.96 11.01 3.43
CA LEU A 154 15.41 10.05 2.48
C LEU A 154 14.09 10.57 1.86
N GLU A 155 13.19 11.12 2.66
CA GLU A 155 11.95 11.75 2.13
C GLU A 155 12.20 12.94 1.18
N ASP A 156 13.14 13.81 1.55
CA ASP A 156 13.46 14.97 0.69
C ASP A 156 14.25 14.59 -0.59
N CYS A 157 15.16 13.63 -0.53
CA CYS A 157 15.77 13.18 -1.76
C CYS A 157 14.70 12.60 -2.69
N GLY A 158 13.73 11.87 -2.13
CA GLY A 158 12.56 11.41 -2.89
C GLY A 158 11.80 12.50 -3.63
N ALA A 159 11.42 13.55 -2.91
CA ALA A 159 10.80 14.75 -3.50
C ALA A 159 11.63 15.41 -4.63
N MET A 160 12.94 15.55 -4.43
CA MET A 160 13.87 16.05 -5.45
C MET A 160 14.00 15.15 -6.68
N ILE A 161 14.13 13.86 -6.46
CA ILE A 161 14.23 12.90 -7.55
C ILE A 161 12.99 12.90 -8.51
N ILE A 162 11.76 12.84 -8.00
CA ILE A 162 10.55 13.06 -8.84
C ILE A 162 10.50 14.46 -9.51
N ASN A 163 10.78 15.50 -8.71
CA ASN A 163 10.75 16.86 -9.25
C ASN A 163 11.71 17.06 -10.42
N THR A 164 12.96 16.63 -10.25
CA THR A 164 13.98 16.78 -11.31
C THR A 164 13.72 15.95 -12.55
N ALA A 165 13.39 14.67 -12.37
CA ALA A 165 13.01 13.78 -13.51
C ALA A 165 11.83 14.35 -14.30
N CYS A 166 10.74 14.71 -13.61
CA CYS A 166 9.56 15.27 -14.27
C CYS A 166 9.95 16.46 -15.16
N GLN A 167 10.74 17.36 -14.58
CA GLN A 167 11.15 18.58 -15.28
C GLN A 167 12.03 18.26 -16.49
N CYS A 168 12.87 17.23 -16.37
CA CYS A 168 13.65 16.73 -17.52
C CYS A 168 12.82 16.02 -18.58
N LEU A 169 11.66 15.46 -18.21
CA LEU A 169 11.09 14.49 -19.12
C LEU A 169 9.71 14.89 -19.64
N PHE A 170 9.12 15.93 -19.07
CA PHE A 170 7.77 16.25 -19.45
C PHE A 170 7.59 17.69 -19.81
N GLY A 171 6.67 17.95 -20.73
CA GLY A 171 6.31 19.30 -21.08
C GLY A 171 5.52 19.88 -19.92
N GLU A 172 5.39 21.20 -19.91
CA GLU A 172 4.71 21.90 -18.81
C GLU A 172 3.24 21.48 -18.68
N ASP A 173 2.64 21.08 -19.80
CA ASP A 173 1.22 20.76 -19.85
C ASP A 173 0.95 19.44 -19.13
N LEU A 174 1.78 18.43 -19.35
CA LEU A 174 1.70 17.17 -18.61
C LEU A 174 1.99 17.40 -17.13
N ARG A 175 2.98 18.22 -16.84
CA ARG A 175 3.29 18.63 -15.46
C ARG A 175 2.17 19.49 -14.79
N LYS A 176 1.44 20.29 -15.58
CA LYS A 176 0.27 21.02 -15.07
C LYS A 176 -0.92 20.10 -14.78
N ARG A 177 -0.97 18.95 -15.44
CA ARG A 177 -2.08 18.01 -15.23
C ARG A 177 -1.74 16.88 -14.23
N LEU A 178 -0.46 16.56 -14.15
CA LEU A 178 0.00 15.52 -13.29
C LEU A 178 1.17 16.08 -12.48
N ASN A 179 0.90 16.71 -11.35
CA ASN A 179 2.02 17.23 -10.62
C ASN A 179 2.95 16.11 -10.07
N ALA A 180 4.18 16.50 -9.74
CA ALA A 180 5.20 15.57 -9.27
C ALA A 180 4.77 14.78 -8.04
N ARG A 181 4.13 15.44 -7.10
CA ARG A 181 3.67 14.82 -5.86
C ARG A 181 2.64 13.74 -6.19
N HIS A 182 1.59 14.12 -6.91
CA HIS A 182 0.55 13.22 -7.42
C HIS A 182 1.17 12.01 -8.14
N PHE A 183 2.07 12.25 -9.11
CA PHE A 183 2.88 11.17 -9.75
C PHE A 183 3.56 10.25 -8.69
N ALA A 184 4.24 10.84 -7.70
CA ALA A 184 4.96 10.03 -6.73
C ALA A 184 3.99 9.15 -6.00
N GLN A 185 2.86 9.69 -5.61
CA GLN A 185 1.82 8.83 -5.02
C GLN A 185 1.40 7.63 -5.89
N LEU A 186 1.12 7.86 -7.18
CA LEU A 186 0.74 6.77 -8.05
C LEU A 186 1.85 5.68 -8.18
N LEU A 187 3.05 6.16 -8.40
CA LEU A 187 4.22 5.26 -8.43
C LEU A 187 4.35 4.51 -7.10
N SER A 188 4.26 5.25 -6.02
CA SER A 188 4.36 4.64 -4.70
C SER A 188 3.30 3.60 -4.38
N LYS A 189 2.04 3.84 -4.79
N LYS A 189 2.07 3.85 -4.84
CA LYS A 189 0.99 2.85 -4.57
CA LYS A 189 0.95 2.96 -4.66
C LYS A 189 1.27 1.58 -5.38
C LYS A 189 1.16 1.65 -5.43
N MET A 190 1.86 1.74 -6.57
CA MET A 190 2.12 0.59 -7.43
C MET A 190 3.21 -0.22 -6.73
N GLU A 191 4.33 0.44 -6.37
CA GLU A 191 5.44 -0.26 -5.71
C GLU A 191 5.04 -0.94 -4.40
N SER A 192 4.28 -0.26 -3.55
CA SER A 192 3.98 -0.91 -2.25
C SER A 192 2.96 -2.14 -2.35
N SER A 193 2.37 -2.30 -3.52
CA SER A 193 1.54 -3.47 -3.86
C SER A 193 2.29 -4.77 -4.12
N LEU A 194 3.56 -4.70 -4.47
CA LEU A 194 4.17 -5.87 -5.04
C LEU A 194 4.57 -6.84 -3.93
N ILE A 195 4.64 -8.14 -4.23
CA ILE A 195 4.96 -9.11 -3.22
C ILE A 195 6.09 -9.94 -3.79
N PRO A 196 7.34 -9.65 -3.36
CA PRO A 196 8.46 -10.31 -4.01
C PRO A 196 8.44 -11.82 -3.89
N ALA A 197 7.82 -12.33 -2.83
CA ALA A 197 7.61 -13.79 -2.65
C ALA A 197 7.12 -14.45 -3.93
N ALA A 198 6.28 -13.74 -4.68
CA ALA A 198 5.55 -14.36 -5.76
C ALA A 198 6.43 -14.59 -6.95
N VAL A 199 7.61 -13.97 -6.95
CA VAL A 199 8.50 -14.10 -8.09
C VAL A 199 8.92 -15.55 -8.07
N PHE A 200 9.01 -16.12 -6.87
CA PHE A 200 9.49 -17.48 -6.58
C PHE A 200 8.33 -18.50 -6.41
N MET A 201 7.18 -18.00 -5.96
CA MET A 201 5.98 -18.80 -5.77
C MET A 201 4.84 -18.19 -6.61
N PRO A 202 4.88 -18.38 -7.95
CA PRO A 202 3.97 -17.62 -8.87
C PRO A 202 2.51 -17.98 -8.64
N TRP A 203 2.23 -19.01 -7.88
CA TRP A 203 0.83 -19.31 -7.59
C TRP A 203 0.21 -18.21 -6.73
N LEU A 204 1.03 -17.49 -5.96
CA LEU A 204 0.53 -16.46 -5.07
C LEU A 204 -0.25 -15.43 -5.82
N LEU A 205 0.09 -15.22 -7.10
CA LEU A 205 -0.58 -14.28 -8.02
C LEU A 205 -1.94 -14.76 -8.58
N ARG A 206 -2.31 -16.01 -8.32
CA ARG A 206 -3.62 -16.45 -8.77
C ARG A 206 -4.64 -16.27 -7.64
N LEU A 207 -4.16 -15.61 -6.57
CA LEU A 207 -4.96 -15.34 -5.40
C LEU A 207 -5.53 -13.95 -5.56
N PRO A 208 -6.83 -13.80 -5.29
CA PRO A 208 -7.37 -12.43 -5.20
C PRO A 208 -6.63 -11.62 -4.08
N LEU A 209 -5.99 -10.54 -4.48
CA LEU A 209 -5.31 -9.67 -3.54
C LEU A 209 -5.78 -8.23 -3.75
N PRO A 210 -6.17 -7.54 -2.66
CA PRO A 210 -6.48 -6.16 -2.90
C PRO A 210 -5.30 -5.32 -3.41
N GLN A 211 -4.08 -5.77 -3.08
CA GLN A 211 -2.83 -5.14 -3.52
C GLN A 211 -2.78 -4.98 -5.07
N SER A 212 -2.97 -6.07 -5.81
CA SER A 212 -2.99 -5.99 -7.29
C SER A 212 -4.06 -5.08 -7.90
N ALA A 213 -5.22 -4.98 -7.25
CA ALA A 213 -6.26 -4.06 -7.68
C ALA A 213 -5.92 -2.62 -7.31
N ARG A 214 -5.25 -2.39 -6.19
CA ARG A 214 -4.69 -1.06 -5.94
C ARG A 214 -3.69 -0.72 -7.08
N CYS A 215 -2.96 -1.72 -7.53
CA CYS A 215 -1.89 -1.46 -8.47
C CYS A 215 -2.46 -1.23 -9.88
N ARG A 216 -3.46 -1.99 -10.29
CA ARG A 216 -4.15 -1.71 -11.56
C ARG A 216 -4.91 -0.37 -11.62
N GLU A 217 -5.58 -0.03 -10.51
CA GLU A 217 -6.33 1.23 -10.34
C GLU A 217 -5.36 2.41 -10.53
N ALA A 218 -4.21 2.38 -9.84
CA ALA A 218 -3.12 3.35 -9.98
C ALA A 218 -2.61 3.48 -11.41
N ARG A 219 -2.27 2.33 -12.01
CA ARG A 219 -1.86 2.32 -13.42
C ARG A 219 -2.89 2.92 -14.33
N ALA A 220 -4.18 2.53 -14.14
CA ALA A 220 -5.33 3.03 -14.95
C ALA A 220 -5.62 4.50 -14.76
N GLU A 221 -5.31 5.04 -13.58
CA GLU A 221 -5.50 6.48 -13.41
C GLU A 221 -4.47 7.24 -14.22
N LEU A 222 -3.26 6.67 -14.35
CA LEU A 222 -2.20 7.29 -15.11
C LEU A 222 -2.48 7.31 -16.61
N GLN A 223 -2.88 6.16 -17.14
CA GLN A 223 -3.23 6.08 -18.54
C GLN A 223 -4.35 7.05 -18.90
N LYS A 224 -5.37 7.12 -18.05
CA LYS A 224 -6.49 8.08 -18.19
C LYS A 224 -6.00 9.55 -18.30
N ILE A 225 -5.26 10.00 -17.32
CA ILE A 225 -4.55 11.28 -17.36
C ILE A 225 -3.66 11.48 -18.59
N LEU A 226 -2.82 10.49 -18.89
CA LEU A 226 -2.01 10.56 -20.12
C LEU A 226 -2.83 10.68 -21.39
N GLY A 227 -4.02 10.09 -21.39
CA GLY A 227 -4.87 10.04 -22.59
C GLY A 227 -5.52 11.36 -22.86
N GLU A 228 -5.80 12.08 -21.78
CA GLU A 228 -6.34 13.43 -21.78
C GLU A 228 -5.33 14.48 -22.23
N ILE A 229 -4.05 14.25 -21.90
CA ILE A 229 -2.92 15.09 -22.34
C ILE A 229 -2.66 14.95 -23.83
N ILE A 230 -2.82 13.72 -24.32
CA ILE A 230 -2.65 13.41 -25.74
C ILE A 230 -3.76 13.97 -26.62
N VAL A 231 -5.01 13.92 -26.15
CA VAL A 231 -6.11 14.55 -26.93
C VAL A 231 -5.98 16.07 -26.90
N ALA A 232 -5.82 16.64 -25.71
CA ALA A 232 -5.46 18.04 -25.58
C ALA A 232 -4.31 18.42 -26.52
N ARG A 233 -3.22 17.65 -26.49
CA ARG A 233 -2.02 17.99 -27.25
C ARG A 233 -2.24 17.94 -28.79
N GLU A 234 -3.20 17.11 -29.23
CA GLU A 234 -3.52 16.96 -30.65
C GLU A 234 -4.46 18.07 -31.15
N LYS A 235 -4.45 19.22 -30.48
CA LYS A 235 -5.11 20.42 -31.00
C LYS A 235 -4.10 21.59 -30.93
N GLU A 236 -3.37 21.79 -32.03
CA GLU A 236 -2.04 22.45 -32.03
C GLU A 236 -1.50 22.71 -30.62
N ASN A 243 6.06 18.00 -26.08
CA ASN A 243 5.89 17.37 -27.41
C ASN A 243 7.20 17.17 -28.16
N THR A 244 7.88 18.28 -28.50
CA THR A 244 9.17 18.29 -29.23
C THR A 244 10.18 17.33 -28.61
N SER A 245 11.03 17.85 -27.74
CA SER A 245 12.00 17.00 -27.04
C SER A 245 11.46 15.98 -26.01
N ASP A 246 10.17 16.02 -25.59
CA ASP A 246 9.85 15.28 -24.31
C ASP A 246 9.50 13.79 -24.43
N LEU A 247 9.64 13.09 -23.31
CA LEU A 247 9.48 11.64 -23.28
C LEU A 247 8.17 11.16 -23.91
N LEU A 248 7.05 11.76 -23.49
CA LEU A 248 5.72 11.36 -24.00
C LEU A 248 5.64 11.47 -25.53
N GLY A 249 5.98 12.65 -26.03
CA GLY A 249 5.93 12.95 -27.46
C GLY A 249 6.81 12.04 -28.29
N GLY A 250 7.89 11.51 -27.70
CA GLY A 250 8.76 10.55 -28.38
C GLY A 250 8.04 9.25 -28.74
N LEU A 251 7.37 8.65 -27.76
CA LEU A 251 6.76 7.33 -27.89
C LEU A 251 5.51 7.43 -28.73
N LEU A 252 4.81 8.55 -28.58
CA LEU A 252 3.78 8.97 -29.52
C LEU A 252 4.16 8.81 -30.99
N LYS A 253 5.43 9.02 -31.32
CA LYS A 253 5.97 9.06 -32.71
C LYS A 253 6.74 7.78 -33.05
N ALA A 254 6.99 6.97 -32.04
CA ALA A 254 7.66 5.72 -32.26
C ALA A 254 6.83 4.84 -33.21
N VAL A 255 7.46 4.42 -34.30
CA VAL A 255 6.85 3.44 -35.16
C VAL A 255 7.70 2.17 -35.11
N TYR A 256 7.06 1.04 -34.79
CA TYR A 256 7.71 -0.28 -34.83
C TYR A 256 8.34 -0.65 -36.20
N ARG A 257 9.15 -1.71 -36.19
CA ARG A 257 9.63 -2.38 -37.40
C ARG A 257 8.51 -2.52 -38.42
N ASP A 258 7.36 -3.04 -37.98
CA ASP A 258 6.28 -3.25 -38.97
C ASP A 258 5.71 -1.86 -39.31
N GLY A 259 4.58 -1.79 -39.93
CA GLY A 259 4.07 -0.43 -40.10
C GLY A 259 3.57 0.31 -38.86
N THR A 260 3.40 -0.37 -37.71
CA THR A 260 2.46 0.08 -36.65
C THR A 260 3.04 0.98 -35.58
N ARG A 261 2.14 1.73 -34.94
CA ARG A 261 2.46 2.66 -33.83
C ARG A 261 2.06 2.08 -32.45
N MET A 262 2.65 2.61 -31.38
CA MET A 262 2.26 2.20 -30.01
C MET A 262 0.82 2.55 -29.63
N SER A 263 0.14 1.59 -29.04
CA SER A 263 -1.14 1.81 -28.36
C SER A 263 -0.98 2.68 -27.10
N LEU A 264 -2.04 3.39 -26.72
CA LEU A 264 -2.06 4.05 -25.43
C LEU A 264 -1.45 3.19 -24.26
N HIS A 265 -1.98 1.97 -24.11
CA HIS A 265 -1.48 0.97 -23.15
C HIS A 265 0.04 0.75 -23.11
N GLU A 266 0.66 0.59 -24.26
CA GLU A 266 2.11 0.53 -24.32
C GLU A 266 2.80 1.86 -24.00
N VAL A 267 2.29 2.99 -24.50
CA VAL A 267 2.85 4.32 -24.22
C VAL A 267 2.85 4.50 -22.72
N CYS A 268 1.69 4.35 -22.10
CA CYS A 268 1.62 4.32 -20.65
C CYS A 268 2.65 3.33 -20.07
N GLY A 269 2.70 2.11 -20.61
CA GLY A 269 3.74 1.14 -20.19
C GLY A 269 5.17 1.67 -20.02
N MET A 270 5.72 2.27 -21.09
CA MET A 270 7.13 2.71 -21.09
C MET A 270 7.38 3.94 -20.24
N ILE A 271 6.37 4.80 -20.11
CA ILE A 271 6.43 5.92 -19.17
C ILE A 271 6.49 5.39 -17.73
N VAL A 272 5.56 4.49 -17.37
CA VAL A 272 5.52 3.85 -16.07
C VAL A 272 6.84 3.19 -15.75
N ALA A 273 7.38 2.50 -16.75
CA ALA A 273 8.59 1.71 -16.57
C ALA A 273 9.81 2.62 -16.28
N ALA A 274 9.97 3.67 -17.09
CA ALA A 274 11.04 4.61 -16.83
C ALA A 274 10.88 5.30 -15.49
N MET A 275 9.67 5.73 -15.11
CA MET A 275 9.57 6.50 -13.85
C MET A 275 9.65 5.56 -12.62
N PHE A 276 8.93 4.45 -12.70
CA PHE A 276 9.02 3.42 -11.73
C PHE A 276 10.49 3.01 -11.50
N ALA A 277 11.23 2.77 -12.59
CA ALA A 277 12.64 2.38 -12.45
C ALA A 277 13.51 3.38 -11.66
N GLY A 278 13.51 4.63 -12.09
CA GLY A 278 14.36 5.65 -11.48
C GLY A 278 13.92 6.24 -10.15
N GLN A 279 12.61 6.33 -9.89
CA GLN A 279 12.12 6.91 -8.65
C GLN A 279 12.74 6.34 -7.36
N HIS A 280 12.59 5.04 -7.08
CA HIS A 280 13.14 4.55 -5.84
C HIS A 280 14.68 4.33 -5.84
N THR A 281 15.26 3.89 -6.95
CA THR A 281 16.69 3.50 -7.01
C THR A 281 17.64 4.69 -6.92
N SER A 282 17.30 5.75 -7.64
CA SER A 282 18.10 6.98 -7.62
C SER A 282 17.94 7.74 -6.33
N THR A 283 16.72 7.76 -5.80
CA THR A 283 16.43 8.33 -4.49
C THR A 283 17.31 7.72 -3.41
N ILE A 284 17.29 6.38 -3.35
CA ILE A 284 18.14 5.61 -2.40
C ILE A 284 19.65 5.96 -2.59
N THR A 285 20.07 6.00 -3.83
CA THR A 285 21.46 6.25 -4.15
C THR A 285 21.88 7.67 -3.72
N THR A 286 21.04 8.68 -3.99
CA THR A 286 21.30 10.07 -3.63
C THR A 286 21.41 10.15 -2.14
N SER A 287 20.45 9.52 -1.43
CA SER A 287 20.47 9.42 0.04
C SER A 287 21.72 8.74 0.61
N TRP A 288 21.99 7.51 0.17
CA TRP A 288 23.24 6.87 0.58
C TRP A 288 24.44 7.80 0.39
N SER A 289 24.61 8.33 -0.83
CA SER A 289 25.78 9.16 -1.18
C SER A 289 25.95 10.34 -0.20
N MET A 290 24.88 11.05 0.08
CA MET A 290 24.94 12.15 1.03
C MET A 290 25.31 11.67 2.49
N LEU A 291 24.64 10.60 2.93
CA LEU A 291 24.86 10.06 4.23
C LEU A 291 26.34 9.74 4.46
N HIS A 292 26.97 9.14 3.47
CA HIS A 292 28.38 8.82 3.62
C HIS A 292 29.11 10.11 3.68
N LEU A 293 28.88 10.95 2.69
CA LEU A 293 29.66 12.17 2.56
C LEU A 293 29.62 13.05 3.81
N MET A 294 28.44 13.17 4.42
CA MET A 294 28.29 14.00 5.66
C MET A 294 28.83 13.38 6.95
N HIS A 295 29.10 12.08 6.97
CA HIS A 295 29.61 11.47 8.19
C HIS A 295 31.03 11.93 8.51
N PRO A 296 31.27 12.34 9.79
CA PRO A 296 32.58 12.86 10.26
C PRO A 296 33.82 12.08 9.80
N LYS A 297 33.79 10.76 9.84
N LYS A 297 33.76 10.75 9.82
CA LYS A 297 34.96 9.99 9.41
CA LYS A 297 34.91 9.93 9.41
C LYS A 297 35.27 10.26 7.94
C LYS A 297 35.09 9.88 7.90
N ASN A 298 34.24 10.62 7.19
CA ASN A 298 34.29 10.68 5.75
C ASN A 298 34.71 12.11 5.33
N LYS A 299 35.16 12.90 6.31
CA LYS A 299 35.74 14.23 6.08
C LYS A 299 36.68 14.33 4.88
N LYS A 300 37.62 13.38 4.83
CA LYS A 300 38.58 13.25 3.74
C LYS A 300 37.88 13.33 2.36
N TRP A 301 36.77 12.61 2.23
CA TRP A 301 36.03 12.55 0.97
C TRP A 301 35.13 13.75 0.76
N LEU A 302 34.53 14.26 1.82
CA LEU A 302 33.77 15.51 1.68
C LEU A 302 34.66 16.66 1.19
N ASP A 303 35.88 16.77 1.74
CA ASP A 303 36.84 17.76 1.26
C ASP A 303 37.21 17.58 -0.23
N LYS A 304 37.44 16.34 -0.63
CA LYS A 304 37.75 16.08 -2.01
C LYS A 304 36.57 16.51 -2.93
N LEU A 305 35.34 16.32 -2.46
CA LEU A 305 34.17 16.68 -3.26
C LEU A 305 34.06 18.20 -3.43
N HIS A 306 34.07 18.94 -2.33
CA HIS A 306 34.12 20.41 -2.38
C HIS A 306 35.23 20.89 -3.33
N LYS A 307 36.41 20.26 -3.28
CA LYS A 307 37.52 20.59 -4.21
C LYS A 307 37.23 20.32 -5.71
N GLU A 308 36.38 19.33 -5.98
CA GLU A 308 35.96 19.10 -7.35
C GLU A 308 34.94 20.14 -7.78
N ILE A 309 33.96 20.42 -6.89
CA ILE A 309 32.75 21.17 -7.24
C ILE A 309 32.87 22.67 -7.11
N ASP A 310 33.75 23.13 -6.22
CA ASP A 310 33.96 24.56 -6.02
C ASP A 310 34.75 25.18 -7.18
N GLU A 311 35.18 24.35 -8.13
CA GLU A 311 35.83 24.81 -9.35
C GLU A 311 34.83 25.40 -10.35
N PHE A 312 33.58 24.96 -10.25
CA PHE A 312 32.52 25.24 -11.22
C PHE A 312 31.69 26.48 -10.88
N PRO A 313 31.10 27.14 -11.92
CA PRO A 313 30.14 28.25 -11.76
C PRO A 313 28.79 27.87 -11.13
N ALA A 314 27.94 28.87 -10.88
CA ALA A 314 26.61 28.64 -10.29
C ALA A 314 25.72 27.86 -11.24
N GLN A 315 25.79 28.16 -12.53
CA GLN A 315 25.09 27.42 -13.54
C GLN A 315 26.03 26.36 -14.16
N LEU A 316 25.68 25.08 -13.95
CA LEU A 316 26.40 23.92 -14.51
C LEU A 316 25.86 23.52 -15.89
N ASN A 317 26.70 22.80 -16.64
CA ASN A 317 26.28 22.26 -17.94
C ASN A 317 26.49 20.74 -18.11
N TYR A 318 26.03 20.18 -19.22
CA TYR A 318 26.30 18.80 -19.59
C TYR A 318 27.76 18.39 -19.36
N ASP A 319 28.69 19.15 -19.95
CA ASP A 319 30.10 18.86 -19.83
C ASP A 319 30.62 18.91 -18.39
N ASN A 320 30.24 19.91 -17.61
CA ASN A 320 30.57 19.94 -16.18
C ASN A 320 30.26 18.59 -15.51
N VAL A 321 29.00 18.18 -15.54
CA VAL A 321 28.57 16.95 -14.85
C VAL A 321 29.12 15.64 -15.45
N MET A 322 29.25 15.60 -16.76
CA MET A 322 29.60 14.37 -17.49
C MET A 322 31.08 14.00 -17.59
N ASP A 323 31.91 14.94 -18.02
CA ASP A 323 33.31 14.63 -18.27
C ASP A 323 34.21 15.09 -17.14
N GLU A 324 33.69 15.93 -16.26
CA GLU A 324 34.54 16.68 -15.34
C GLU A 324 34.23 16.48 -13.84
N MET A 325 33.43 15.48 -13.51
CA MET A 325 33.20 15.11 -12.11
C MET A 325 33.48 13.62 -11.86
N PRO A 326 34.73 13.15 -12.14
CA PRO A 326 35.01 11.75 -11.87
C PRO A 326 34.99 11.43 -10.36
N PHE A 327 35.18 12.40 -9.47
CA PHE A 327 35.17 12.05 -8.05
C PHE A 327 33.78 11.86 -7.45
N ALA A 328 32.85 12.78 -7.75
CA ALA A 328 31.44 12.60 -7.45
C ALA A 328 30.94 11.23 -7.98
N GLU A 329 31.28 10.91 -9.22
CA GLU A 329 30.82 9.65 -9.74
C GLU A 329 31.31 8.48 -8.85
N ARG A 330 32.59 8.46 -8.52
CA ARG A 330 33.16 7.42 -7.68
C ARG A 330 32.38 7.26 -6.38
N CYS A 331 32.00 8.41 -5.79
CA CYS A 331 31.10 8.51 -4.66
C CYS A 331 29.71 7.85 -4.91
N VAL A 332 29.09 8.12 -6.06
CA VAL A 332 27.77 7.56 -6.35
C VAL A 332 27.92 6.08 -6.59
N ARG A 333 28.95 5.73 -7.31
CA ARG A 333 29.22 4.36 -7.74
C ARG A 333 29.58 3.46 -6.57
N GLU A 334 30.34 3.98 -5.61
CA GLU A 334 30.65 3.23 -4.42
C GLU A 334 29.41 3.10 -3.49
N SER A 335 28.53 4.10 -3.44
CA SER A 335 27.29 3.97 -2.58
C SER A 335 26.43 2.80 -3.02
N ILE A 336 26.34 2.61 -4.34
CA ILE A 336 25.60 1.52 -4.97
C ILE A 336 26.35 0.18 -4.87
N ARG A 337 27.66 0.26 -5.00
CA ARG A 337 28.51 -0.85 -4.62
C ARG A 337 28.25 -1.31 -3.16
N ARG A 338 28.21 -0.44 -2.18
CA ARG A 338 28.13 -1.01 -0.79
C ARG A 338 26.72 -1.51 -0.57
N ASP A 339 25.74 -0.80 -1.14
CA ASP A 339 24.33 -1.13 -0.85
C ASP A 339 23.56 -1.01 -2.13
N PRO A 340 23.60 -2.04 -2.95
CA PRO A 340 22.87 -1.90 -4.19
C PRO A 340 21.38 -1.92 -3.89
N PRO A 341 20.63 -1.03 -4.53
CA PRO A 341 19.18 -1.04 -4.22
C PRO A 341 18.49 -2.26 -4.81
N LEU A 342 18.96 -2.78 -5.94
CA LEU A 342 18.33 -3.99 -6.45
C LEU A 342 19.22 -5.14 -6.02
N LEU A 343 18.74 -5.95 -5.10
CA LEU A 343 19.62 -6.99 -4.54
C LEU A 343 19.95 -8.17 -5.48
N MET A 344 19.01 -8.56 -6.33
CA MET A 344 19.08 -9.83 -7.03
C MET A 344 18.64 -9.63 -8.49
N VAL A 345 19.46 -10.08 -9.44
CA VAL A 345 19.10 -10.18 -10.87
C VAL A 345 18.83 -11.64 -11.19
N MET A 346 17.72 -11.88 -11.88
CA MET A 346 17.20 -13.23 -12.02
C MET A 346 16.78 -13.65 -13.42
N ARG A 347 16.90 -14.94 -13.71
CA ARG A 347 16.34 -15.51 -14.93
C ARG A 347 15.80 -16.90 -14.67
N MET A 348 14.95 -17.36 -15.57
CA MET A 348 14.45 -18.74 -15.55
C MET A 348 15.28 -19.54 -16.52
N VAL A 349 15.83 -20.65 -15.99
CA VAL A 349 16.71 -21.51 -16.78
C VAL A 349 15.84 -22.36 -17.71
N LYS A 350 15.72 -21.93 -18.95
CA LYS A 350 14.98 -22.66 -19.96
C LYS A 350 15.80 -23.82 -20.59
N ALA A 351 17.12 -23.67 -20.67
CA ALA A 351 18.02 -24.76 -21.05
C ALA A 351 19.24 -24.81 -20.12
N GLU A 352 19.59 -26.03 -19.68
CA GLU A 352 20.69 -26.23 -18.70
C GLU A 352 21.98 -25.40 -19.03
N VAL A 353 22.70 -24.95 -18.02
CA VAL A 353 23.85 -24.04 -18.28
C VAL A 353 25.08 -24.30 -17.40
N LYS A 354 26.26 -24.33 -18.01
CA LYS A 354 27.51 -24.44 -17.27
C LYS A 354 27.86 -23.12 -16.58
N VAL A 355 27.85 -23.13 -15.26
CA VAL A 355 28.33 -22.02 -14.48
C VAL A 355 29.53 -22.54 -13.68
N GLY A 356 30.73 -22.12 -14.07
CA GLY A 356 31.98 -22.61 -13.48
C GLY A 356 32.10 -24.10 -13.72
N SER A 357 32.38 -24.84 -12.66
CA SER A 357 32.04 -26.28 -12.67
C SER A 357 30.52 -26.29 -12.51
N TYR A 358 29.89 -27.45 -12.32
CA TYR A 358 28.44 -27.46 -12.18
C TYR A 358 27.68 -27.04 -13.42
N VAL A 359 26.48 -27.60 -13.53
CA VAL A 359 25.50 -27.24 -14.52
C VAL A 359 24.19 -26.84 -13.74
N VAL A 360 23.57 -25.74 -14.13
CA VAL A 360 22.31 -25.35 -13.53
C VAL A 360 21.23 -25.98 -14.41
N PRO A 361 20.39 -26.85 -13.82
CA PRO A 361 19.32 -27.61 -14.47
C PRO A 361 18.19 -26.77 -15.00
N LYS A 362 17.52 -27.26 -16.05
CA LYS A 362 16.27 -26.65 -16.52
C LYS A 362 15.30 -26.42 -15.35
N GLY A 363 14.63 -25.27 -15.31
CA GLY A 363 13.55 -25.03 -14.30
C GLY A 363 13.98 -24.30 -13.04
N ASP A 364 15.28 -24.19 -12.83
CA ASP A 364 15.84 -23.41 -11.74
C ASP A 364 15.68 -21.91 -12.05
N ILE A 365 15.53 -21.12 -11.00
CA ILE A 365 15.75 -19.68 -11.11
C ILE A 365 17.25 -19.47 -10.90
N ILE A 366 17.90 -18.79 -11.84
CA ILE A 366 19.30 -18.50 -11.71
C ILE A 366 19.40 -17.03 -11.39
N ALA A 367 20.12 -16.73 -10.32
CA ALA A 367 20.33 -15.38 -9.86
C ALA A 367 21.80 -14.96 -9.94
N CYS A 368 21.99 -13.65 -10.10
CA CYS A 368 23.28 -13.04 -9.88
C CYS A 368 23.00 -11.86 -9.00
N SER A 369 23.61 -11.83 -7.81
CA SER A 369 23.30 -10.86 -6.77
C SER A 369 24.37 -9.80 -6.62
N PRO A 370 24.04 -8.61 -7.13
CA PRO A 370 24.86 -7.42 -6.76
C PRO A 370 25.07 -7.39 -5.23
N LEU A 371 24.02 -7.62 -4.41
CA LEU A 371 24.30 -7.51 -2.97
C LEU A 371 25.47 -8.43 -2.53
N LEU A 372 25.41 -9.69 -2.95
CA LEU A 372 26.41 -10.71 -2.61
C LEU A 372 27.78 -10.50 -3.31
N SER A 373 27.76 -10.26 -4.62
CA SER A 373 28.97 -9.96 -5.38
C SER A 373 29.69 -8.70 -4.95
N HIS A 374 28.98 -7.70 -4.49
CA HIS A 374 29.66 -6.48 -4.05
C HIS A 374 30.33 -6.68 -2.65
N HIS A 375 30.24 -7.92 -2.12
CA HIS A 375 30.82 -8.22 -0.83
C HIS A 375 31.76 -9.41 -0.87
N ASP A 376 32.12 -9.85 -2.08
CA ASP A 376 33.13 -10.90 -2.21
C ASP A 376 34.43 -10.25 -1.76
N GLU A 377 35.11 -10.87 -0.79
CA GLU A 377 36.39 -10.32 -0.35
C GLU A 377 37.47 -10.25 -1.44
N GLU A 378 37.34 -11.05 -2.51
CA GLU A 378 38.34 -10.97 -3.59
C GLU A 378 38.18 -9.72 -4.46
N ALA A 379 36.96 -9.49 -4.93
CA ALA A 379 36.59 -8.31 -5.71
C ALA A 379 36.55 -6.98 -4.91
N PHE A 380 36.12 -7.02 -3.65
CA PHE A 380 35.91 -5.80 -2.87
C PHE A 380 36.46 -5.93 -1.45
N PRO A 381 37.78 -6.02 -1.32
CA PRO A 381 38.37 -6.14 0.02
C PRO A 381 37.74 -5.14 0.99
N ASN A 382 37.46 -5.66 2.20
CA ASN A 382 36.81 -4.93 3.30
C ASN A 382 35.51 -4.21 2.84
N PRO A 383 34.52 -4.97 2.35
CA PRO A 383 33.44 -4.42 1.58
C PRO A 383 32.46 -3.53 2.37
N ARG A 384 32.50 -3.58 3.70
CA ARG A 384 31.53 -2.74 4.42
C ARG A 384 32.13 -1.35 4.60
N LEU A 385 33.38 -1.18 4.20
CA LEU A 385 34.03 0.15 4.21
C LEU A 385 33.53 0.94 2.99
N TRP A 386 33.00 2.14 3.20
CA TRP A 386 32.70 3.03 2.07
C TRP A 386 33.95 3.83 1.72
N ASP A 387 34.60 3.39 0.64
CA ASP A 387 35.82 3.95 0.08
C ASP A 387 35.64 4.23 -1.42
N PRO A 388 35.27 5.47 -1.78
CA PRO A 388 35.03 5.83 -3.18
C PRO A 388 36.25 5.76 -4.13
N GLU A 389 37.47 5.73 -3.59
CA GLU A 389 38.65 5.59 -4.44
C GLU A 389 39.00 4.12 -4.75
N ARG A 390 38.19 3.18 -4.30
CA ARG A 390 38.46 1.78 -4.58
C ARG A 390 38.09 1.36 -6.00
N ASP A 391 38.60 0.22 -6.42
CA ASP A 391 38.18 -0.38 -7.69
C ASP A 391 38.00 -1.88 -7.57
N GLU A 392 37.08 -2.43 -8.36
CA GLU A 392 36.89 -3.85 -8.37
C GLU A 392 38.24 -4.46 -8.65
N LYS A 393 38.60 -5.50 -7.88
CA LYS A 393 39.77 -6.33 -8.19
C LYS A 393 39.42 -7.56 -9.04
N VAL A 394 38.14 -7.83 -9.29
CA VAL A 394 37.80 -8.84 -10.32
C VAL A 394 37.02 -8.09 -11.36
N ASP A 395 37.43 -8.24 -12.63
CA ASP A 395 36.82 -7.52 -13.75
C ASP A 395 35.35 -7.92 -13.92
N GLY A 396 34.46 -6.95 -13.90
CA GLY A 396 33.03 -7.21 -14.03
C GLY A 396 32.34 -7.33 -12.68
N ALA A 397 33.10 -7.30 -11.60
CA ALA A 397 32.53 -7.65 -10.28
C ALA A 397 31.38 -6.78 -9.95
N PHE A 398 31.55 -5.47 -10.11
CA PHE A 398 30.48 -4.49 -9.92
C PHE A 398 29.34 -4.69 -10.95
N ILE A 399 28.12 -4.94 -10.47
CA ILE A 399 26.98 -5.31 -11.32
C ILE A 399 25.73 -4.64 -10.80
N GLY A 400 25.94 -3.41 -10.32
CA GLY A 400 24.92 -2.59 -9.71
C GLY A 400 23.85 -2.18 -10.65
N PHE A 401 24.24 -1.93 -11.89
CA PHE A 401 23.30 -1.67 -12.96
C PHE A 401 23.27 -2.84 -13.96
N GLY A 402 23.50 -4.07 -13.50
CA GLY A 402 23.41 -5.20 -14.43
C GLY A 402 24.50 -5.18 -15.48
N ALA A 403 24.29 -5.97 -16.55
CA ALA A 403 25.32 -6.16 -17.62
C ALA A 403 24.72 -7.00 -18.74
N GLY A 404 25.37 -7.05 -19.92
CA GLY A 404 24.92 -7.95 -20.98
C GLY A 404 23.69 -7.39 -21.67
N VAL A 405 22.84 -8.26 -22.20
CA VAL A 405 21.67 -7.79 -22.94
C VAL A 405 20.65 -7.03 -22.06
N HIS A 406 20.64 -7.27 -20.74
CA HIS A 406 19.69 -6.50 -19.97
C HIS A 406 20.19 -5.32 -19.15
N LYS A 407 21.44 -4.92 -19.32
CA LYS A 407 22.01 -3.79 -18.57
C LYS A 407 21.08 -2.60 -18.51
N CYS A 408 21.00 -1.95 -17.33
CA CYS A 408 20.22 -0.70 -17.14
C CYS A 408 20.28 0.34 -18.26
N ILE A 409 19.17 0.75 -18.84
CA ILE A 409 19.28 1.90 -19.75
C ILE A 409 19.02 3.32 -19.12
N GLY A 410 18.70 3.41 -17.83
CA GLY A 410 18.68 4.72 -17.20
C GLY A 410 20.01 5.05 -16.51
N GLN A 411 21.02 4.19 -16.69
CA GLN A 411 22.27 4.34 -15.96
C GLN A 411 22.81 5.74 -16.13
N LYS A 412 22.86 6.20 -17.35
CA LYS A 412 23.51 7.46 -17.59
C LYS A 412 22.68 8.57 -17.04
N PHE A 413 21.38 8.42 -17.09
CA PHE A 413 20.53 9.48 -16.59
C PHE A 413 20.63 9.53 -15.07
N ALA A 414 20.68 8.35 -14.48
CA ALA A 414 20.73 8.20 -13.02
C ALA A 414 22.00 8.86 -12.45
N LEU A 415 23.17 8.56 -13.01
CA LEU A 415 24.45 9.16 -12.52
C LEU A 415 24.44 10.69 -12.64
N LEU A 416 24.05 11.18 -13.80
CA LEU A 416 23.98 12.60 -14.03
C LEU A 416 23.01 13.31 -13.09
N GLN A 417 21.86 12.71 -12.77
CA GLN A 417 20.89 13.31 -11.84
C GLN A 417 21.45 13.36 -10.41
N VAL A 418 21.97 12.22 -9.95
CA VAL A 418 22.53 12.17 -8.59
C VAL A 418 23.73 13.11 -8.47
N LYS A 419 24.64 13.03 -9.45
CA LYS A 419 25.84 13.90 -9.45
C LYS A 419 25.44 15.36 -9.40
N THR A 420 24.46 15.75 -10.22
CA THR A 420 24.01 17.15 -10.29
C THR A 420 23.38 17.60 -8.99
N ILE A 421 22.66 16.71 -8.32
CA ILE A 421 22.03 17.08 -7.02
C ILE A 421 23.10 17.29 -5.95
N LEU A 422 24.08 16.40 -5.91
CA LEU A 422 25.21 16.49 -4.94
C LEU A 422 25.98 17.76 -5.18
N ALA A 423 26.25 18.04 -6.43
CA ALA A 423 26.92 19.29 -6.77
C ALA A 423 26.12 20.51 -6.30
N THR A 424 24.80 20.42 -6.35
CA THR A 424 23.97 21.58 -6.02
C THR A 424 23.69 21.66 -4.54
N ALA A 425 23.30 20.56 -3.92
CA ALA A 425 23.08 20.56 -2.48
C ALA A 425 24.32 20.96 -1.64
N PHE A 426 25.50 20.42 -1.92
CA PHE A 426 26.66 20.60 -1.02
C PHE A 426 27.36 21.93 -1.18
N ARG A 427 27.14 22.56 -2.33
CA ARG A 427 27.60 23.92 -2.55
C ARG A 427 26.82 24.91 -1.68
N GLU A 428 25.59 24.55 -1.34
CA GLU A 428 24.66 25.45 -0.70
C GLU A 428 24.43 25.17 0.79
N TYR A 429 24.61 23.91 1.19
CA TYR A 429 24.31 23.48 2.55
C TYR A 429 25.41 22.61 3.11
N ASP A 430 25.51 22.61 4.44
CA ASP A 430 26.22 21.58 5.18
C ASP A 430 25.18 20.71 5.85
N PHE A 431 25.57 19.49 6.20
CA PHE A 431 24.64 18.59 6.81
C PHE A 431 25.30 17.90 7.96
N GLN A 432 24.53 17.61 9.00
CA GLN A 432 25.00 16.78 10.09
C GLN A 432 24.11 15.54 10.23
N LEU A 433 24.73 14.37 10.23
CA LEU A 433 23.97 13.15 10.48
C LEU A 433 23.64 13.19 11.97
N LEU A 434 22.37 12.98 12.31
CA LEU A 434 21.93 13.08 13.70
C LEU A 434 22.00 11.72 14.34
N ARG A 435 23.03 10.97 14.00
CA ARG A 435 23.03 9.59 14.42
C ARG A 435 24.35 8.88 14.73
N ASP A 436 25.46 9.43 15.13
CA ASP A 436 26.63 8.53 15.34
C ASP A 436 27.10 7.64 14.17
N GLU A 437 26.27 6.71 13.69
CA GLU A 437 26.62 5.84 12.53
C GLU A 437 25.74 5.97 11.23
N VAL A 438 26.30 5.72 10.06
CA VAL A 438 25.49 5.70 8.84
C VAL A 438 24.31 4.71 8.94
N PRO A 439 23.09 5.10 8.48
CA PRO A 439 21.94 4.18 8.66
C PRO A 439 22.23 2.78 8.21
N ASP A 440 21.63 1.81 8.89
CA ASP A 440 21.54 0.45 8.46
C ASP A 440 20.74 0.35 7.13
N PRO A 441 21.03 -0.68 6.33
CA PRO A 441 20.10 -0.80 5.21
C PRO A 441 18.87 -1.43 5.77
N ASP A 442 17.69 -1.04 5.31
CA ASP A 442 16.44 -1.72 5.74
C ASP A 442 16.05 -2.71 4.64
N TYR A 443 16.09 -4.01 4.95
CA TYR A 443 15.83 -5.09 3.99
C TYR A 443 14.38 -5.56 3.88
N HIS A 444 13.46 -4.93 4.61
CA HIS A 444 12.07 -5.36 4.54
C HIS A 444 11.38 -4.98 3.22
N THR A 445 11.97 -4.07 2.44
CA THR A 445 11.29 -3.58 1.23
C THR A 445 11.92 -4.13 -0.04
N MET A 446 11.11 -4.22 -1.11
CA MET A 446 11.51 -4.71 -2.42
C MET A 446 12.80 -4.05 -2.95
N VAL A 447 12.80 -2.70 -3.02
CA VAL A 447 13.93 -1.95 -3.54
C VAL A 447 14.49 -1.49 -2.22
N VAL A 448 15.81 -1.66 -2.00
CA VAL A 448 16.34 -1.57 -0.64
C VAL A 448 17.01 -0.23 -0.41
N GLY A 449 16.69 0.42 0.69
CA GLY A 449 17.36 1.69 1.03
C GLY A 449 17.90 1.74 2.44
N PRO A 450 18.41 2.90 2.84
CA PRO A 450 18.77 3.11 4.22
C PRO A 450 17.47 3.22 5.04
N THR A 451 17.48 2.65 6.24
CA THR A 451 16.38 2.73 7.15
C THR A 451 15.84 4.18 7.30
N LEU A 452 14.56 4.34 7.00
CA LEU A 452 13.90 5.65 7.00
C LEU A 452 14.00 6.37 8.35
N ASN A 453 13.62 5.66 9.42
CA ASN A 453 13.89 5.95 10.87
C ASN A 453 15.16 6.69 11.21
N GLN A 454 16.23 6.34 10.51
CA GLN A 454 17.56 6.73 10.90
C GLN A 454 18.08 7.83 10.01
N CYS A 455 17.20 8.40 9.19
CA CYS A 455 17.62 9.41 8.22
C CYS A 455 17.39 10.88 8.60
N LEU A 456 17.11 11.18 9.86
CA LEU A 456 17.05 12.57 10.30
C LEU A 456 18.44 13.18 10.17
N VAL A 457 18.51 14.30 9.49
CA VAL A 457 19.75 15.04 9.31
C VAL A 457 19.47 16.51 9.62
N LYS A 458 20.49 17.24 10.05
CA LYS A 458 20.33 18.65 10.33
C LYS A 458 21.02 19.45 9.25
N TYR A 459 20.32 20.35 8.58
CA TYR A 459 20.94 21.17 7.55
C TYR A 459 21.35 22.53 8.11
N THR A 460 22.49 23.04 7.68
CA THR A 460 22.86 24.41 7.97
C THR A 460 23.05 25.12 6.63
N ARG A 461 22.25 26.15 6.37
CA ARG A 461 22.40 26.97 5.16
C ARG A 461 23.68 27.78 5.17
N LYS A 462 24.46 27.68 4.09
CA LYS A 462 25.72 28.42 3.98
C LYS A 462 25.52 29.63 3.08
N ARG B 14 -19.30 -36.28 9.49
CA ARG B 14 -19.66 -36.70 8.09
C ARG B 14 -21.18 -36.68 7.75
N PRO B 15 -21.99 -37.63 8.27
CA PRO B 15 -23.48 -37.51 8.18
C PRO B 15 -24.14 -36.21 8.75
N THR B 16 -23.42 -35.46 9.57
CA THR B 16 -23.95 -34.24 10.24
C THR B 16 -22.98 -33.12 9.89
N ASP B 17 -23.02 -32.78 8.60
CA ASP B 17 -22.13 -31.82 7.98
C ASP B 17 -23.00 -31.11 7.00
N PRO B 18 -22.88 -29.81 6.98
CA PRO B 18 -23.49 -29.04 5.91
C PRO B 18 -23.04 -29.57 4.55
N PRO B 19 -23.93 -29.58 3.55
CA PRO B 19 -23.49 -29.93 2.22
C PRO B 19 -22.28 -29.09 1.83
N VAL B 20 -21.31 -29.72 1.17
CA VAL B 20 -20.08 -29.02 0.70
C VAL B 20 -20.27 -28.59 -0.79
N TYR B 21 -19.98 -27.34 -1.13
CA TYR B 21 -19.98 -26.98 -2.56
C TYR B 21 -18.85 -27.79 -3.28
N PRO B 22 -19.14 -28.46 -4.42
CA PRO B 22 -18.03 -29.27 -4.96
C PRO B 22 -16.83 -28.43 -5.35
N VAL B 23 -15.65 -28.93 -5.02
CA VAL B 23 -14.37 -28.29 -5.32
C VAL B 23 -13.60 -28.89 -6.52
N THR B 24 -13.32 -28.06 -7.52
CA THR B 24 -12.21 -28.37 -8.44
C THR B 24 -11.05 -27.46 -8.01
N VAL B 25 -9.84 -27.70 -8.53
CA VAL B 25 -8.61 -26.98 -8.07
C VAL B 25 -8.49 -27.02 -6.54
N PRO B 26 -8.05 -28.18 -5.99
CA PRO B 26 -8.02 -28.34 -4.54
C PRO B 26 -7.35 -27.16 -3.83
N PHE B 27 -6.10 -26.87 -4.23
CA PHE B 27 -5.26 -25.82 -3.64
C PHE B 27 -5.97 -24.51 -3.32
N LEU B 28 -6.91 -24.10 -4.17
CA LEU B 28 -7.59 -22.81 -3.99
C LEU B 28 -8.86 -22.86 -3.19
N GLY B 29 -9.45 -24.06 -3.22
CA GLY B 29 -10.89 -24.22 -3.26
C GLY B 29 -11.61 -23.26 -4.20
N HIS B 30 -12.42 -22.42 -3.56
CA HIS B 30 -13.26 -21.45 -4.22
C HIS B 30 -12.77 -20.01 -3.96
N ILE B 31 -11.47 -19.84 -3.68
CA ILE B 31 -11.07 -18.49 -3.36
C ILE B 31 -11.28 -17.55 -4.56
N VAL B 32 -11.01 -17.99 -5.77
CA VAL B 32 -11.14 -17.09 -6.93
C VAL B 32 -12.60 -16.61 -7.18
N GLN B 33 -13.56 -17.55 -7.27
CA GLN B 33 -14.98 -17.21 -7.42
C GLN B 33 -15.46 -16.30 -6.28
N PHE B 34 -15.27 -16.77 -5.04
CA PHE B 34 -15.64 -15.99 -3.89
C PHE B 34 -14.96 -14.62 -3.96
N GLY B 35 -13.63 -14.65 -4.20
CA GLY B 35 -12.83 -13.44 -4.38
C GLY B 35 -13.45 -12.45 -5.34
N LYS B 36 -13.88 -12.91 -6.53
CA LYS B 36 -14.41 -12.09 -7.61
C LYS B 36 -15.86 -11.52 -7.41
N ASN B 37 -16.79 -12.32 -6.86
CA ASN B 37 -18.10 -11.80 -6.43
C ASN B 37 -18.61 -12.71 -5.36
N PRO B 38 -18.31 -12.32 -4.14
CA PRO B 38 -18.81 -13.03 -2.94
C PRO B 38 -20.34 -13.11 -2.91
N LEU B 39 -21.09 -12.05 -3.23
CA LEU B 39 -22.59 -12.17 -3.31
C LEU B 39 -22.99 -13.27 -4.24
N GLU B 40 -22.86 -13.03 -5.54
CA GLU B 40 -23.18 -14.06 -6.53
C GLU B 40 -22.62 -15.48 -6.18
N PHE B 41 -21.40 -15.57 -5.64
CA PHE B 41 -20.86 -16.89 -5.43
C PHE B 41 -21.57 -17.57 -4.24
N MET B 42 -21.85 -16.82 -3.17
CA MET B 42 -22.51 -17.46 -2.02
C MET B 42 -23.98 -17.76 -2.29
N GLN B 43 -24.60 -17.03 -3.21
CA GLN B 43 -26.01 -17.24 -3.60
C GLN B 43 -26.15 -18.36 -4.57
N ARG B 44 -25.12 -18.66 -5.32
CA ARG B 44 -25.16 -19.81 -6.15
C ARG B 44 -25.05 -21.06 -5.24
N CYS B 45 -24.16 -21.00 -4.24
CA CYS B 45 -24.01 -22.06 -3.23
C CYS B 45 -25.31 -22.34 -2.42
N LYS B 46 -25.97 -21.28 -1.94
CA LYS B 46 -27.24 -21.39 -1.20
C LYS B 46 -28.37 -21.97 -2.08
N ARG B 47 -28.39 -21.62 -3.37
CA ARG B 47 -29.42 -22.04 -4.29
C ARG B 47 -29.23 -23.44 -4.84
N ASP B 48 -28.03 -23.76 -5.36
CA ASP B 48 -27.82 -25.11 -5.93
C ASP B 48 -27.76 -26.25 -4.93
N LEU B 49 -27.40 -25.96 -3.66
CA LEU B 49 -27.33 -26.96 -2.55
C LEU B 49 -28.56 -26.94 -1.67
N LYS B 50 -29.50 -26.03 -2.01
CA LYS B 50 -30.85 -25.95 -1.41
C LYS B 50 -30.77 -25.83 0.08
N SER B 51 -29.70 -25.20 0.54
CA SER B 51 -29.41 -25.12 1.96
C SER B 51 -28.81 -23.74 2.25
N GLY B 52 -29.39 -23.07 3.25
CA GLY B 52 -28.82 -21.86 3.85
C GLY B 52 -27.47 -22.13 4.52
N VAL B 53 -27.29 -23.32 5.08
CA VAL B 53 -26.04 -23.62 5.77
C VAL B 53 -25.18 -24.65 5.00
N PHE B 54 -24.01 -24.20 4.54
CA PHE B 54 -23.12 -24.96 3.69
C PHE B 54 -21.62 -24.65 3.97
N THR B 55 -20.74 -25.31 3.27
CA THR B 55 -19.35 -25.26 3.58
C THR B 55 -18.59 -25.10 2.29
N ILE B 56 -17.79 -24.05 2.19
CA ILE B 56 -16.93 -23.83 1.01
C ILE B 56 -15.50 -24.11 1.34
N SER B 57 -14.65 -24.09 0.32
CA SER B 57 -13.23 -24.25 0.54
C SER B 57 -12.52 -23.01 0.12
N ILE B 58 -11.71 -22.45 1.01
CA ILE B 58 -10.82 -21.33 0.69
C ILE B 58 -9.39 -21.80 0.95
N GLY B 59 -8.61 -21.84 -0.12
CA GLY B 59 -7.26 -22.41 -0.09
C GLY B 59 -7.10 -23.71 0.71
N GLY B 60 -8.16 -24.50 0.78
CA GLY B 60 -8.10 -25.80 1.49
C GLY B 60 -8.60 -25.79 2.94
N GLN B 61 -8.95 -24.60 3.47
CA GLN B 61 -9.60 -24.46 4.78
C GLN B 61 -11.14 -24.52 4.61
N ARG B 62 -11.82 -25.42 5.33
CA ARG B 62 -13.29 -25.51 5.24
C ARG B 62 -13.86 -24.31 5.92
N VAL B 63 -14.77 -23.63 5.22
CA VAL B 63 -15.49 -22.49 5.80
C VAL B 63 -16.93 -22.85 5.74
N THR B 64 -17.56 -22.92 6.91
CA THR B 64 -19.01 -23.13 7.02
C THR B 64 -19.74 -21.79 7.19
N ILE B 65 -20.63 -21.50 6.24
CA ILE B 65 -21.40 -20.28 6.22
C ILE B 65 -22.79 -20.49 6.86
N VAL B 66 -23.07 -19.75 7.93
CA VAL B 66 -24.41 -19.78 8.54
C VAL B 66 -25.21 -18.71 7.80
N GLY B 67 -25.66 -19.05 6.58
CA GLY B 67 -26.38 -18.15 5.70
C GLY B 67 -27.89 -18.27 5.80
N ASP B 68 -28.38 -18.88 6.87
CA ASP B 68 -29.84 -18.94 7.10
C ASP B 68 -30.06 -18.00 8.28
N PRO B 69 -30.75 -16.86 8.05
CA PRO B 69 -30.98 -15.87 9.10
C PRO B 69 -31.75 -16.40 10.33
N HIS B 70 -32.67 -17.37 10.18
CA HIS B 70 -33.32 -17.94 11.37
C HIS B 70 -32.29 -18.57 12.31
N GLU B 71 -31.12 -18.91 11.75
CA GLU B 71 -30.02 -19.54 12.53
C GLU B 71 -28.90 -18.60 13.05
N HIS B 72 -29.05 -17.28 12.84
CA HIS B 72 -28.04 -16.25 13.22
C HIS B 72 -27.55 -16.39 14.65
N SER B 73 -28.46 -16.61 15.61
CA SER B 73 -28.14 -16.69 17.04
C SER B 73 -27.08 -17.72 17.40
N ARG B 74 -27.12 -18.86 16.70
CA ARG B 74 -26.23 -19.99 17.02
C ARG B 74 -24.82 -19.74 16.56
N PHE B 75 -24.63 -18.61 15.88
CA PHE B 75 -23.33 -18.14 15.53
C PHE B 75 -22.92 -17.08 16.56
N PHE B 76 -23.85 -16.16 16.85
CA PHE B 76 -23.52 -14.97 17.65
C PHE B 76 -23.59 -15.17 19.18
N SER B 77 -24.31 -16.18 19.60
CA SER B 77 -24.51 -16.43 21.03
C SER B 77 -23.30 -17.10 21.72
N PRO B 78 -22.81 -18.24 21.20
CA PRO B 78 -21.75 -18.96 21.93
C PRO B 78 -20.55 -18.08 22.36
N ARG B 79 -20.12 -18.28 23.60
CA ARG B 79 -18.95 -17.63 24.22
C ARG B 79 -17.64 -17.99 23.52
N ASN B 80 -16.56 -17.28 23.87
CA ASN B 80 -15.23 -17.46 23.24
C ASN B 80 -14.61 -18.89 23.23
N GLU B 81 -14.99 -19.76 24.15
CA GLU B 81 -14.38 -21.09 24.21
C GLU B 81 -14.94 -22.01 23.11
N ILE B 82 -16.18 -21.76 22.69
CA ILE B 82 -16.79 -22.55 21.62
C ILE B 82 -16.51 -21.93 20.24
N LEU B 83 -16.92 -20.65 20.07
CA LEU B 83 -16.67 -19.93 18.83
C LEU B 83 -15.67 -18.80 19.07
N SER B 84 -14.45 -19.00 18.56
CA SER B 84 -13.27 -18.24 18.93
C SER B 84 -12.89 -17.23 17.84
N PRO B 85 -12.77 -15.95 18.23
CA PRO B 85 -12.36 -14.87 17.33
C PRO B 85 -10.85 -14.71 17.12
N ARG B 86 -10.05 -15.04 18.16
CA ARG B 86 -8.61 -14.79 18.19
C ARG B 86 -7.92 -15.14 16.89
N GLU B 87 -8.17 -16.36 16.40
CA GLU B 87 -7.47 -16.98 15.28
C GLU B 87 -7.81 -16.27 13.97
N VAL B 88 -9.04 -15.73 13.86
CA VAL B 88 -9.43 -15.02 12.64
C VAL B 88 -8.91 -13.56 12.69
N TYR B 89 -8.60 -13.06 13.89
CA TYR B 89 -8.17 -11.68 14.07
C TYR B 89 -6.67 -11.55 14.01
N THR B 90 -5.98 -12.68 13.80
CA THR B 90 -4.50 -12.76 13.68
C THR B 90 -3.91 -11.74 12.69
N ILE B 91 -4.54 -11.61 11.51
CA ILE B 91 -4.21 -10.60 10.47
C ILE B 91 -4.13 -9.18 11.00
N MET B 92 -4.97 -8.82 11.98
CA MET B 92 -4.98 -7.46 12.54
C MET B 92 -3.90 -7.29 13.61
N THR B 93 -3.13 -8.31 13.91
CA THR B 93 -2.11 -8.13 14.95
C THR B 93 -1.18 -6.91 14.71
N PRO B 94 -0.69 -6.76 13.46
CA PRO B 94 0.20 -5.62 13.20
C PRO B 94 -0.53 -4.28 13.21
N VAL B 95 -1.85 -4.29 13.45
CA VAL B 95 -2.60 -3.03 13.45
C VAL B 95 -2.86 -2.69 14.93
N PHE B 96 -3.58 -3.55 15.61
CA PHE B 96 -3.96 -3.37 17.01
C PHE B 96 -2.75 -3.42 17.87
N GLY B 97 -1.70 -4.08 17.41
CA GLY B 97 -0.59 -4.34 18.30
C GLY B 97 -0.56 -5.82 18.65
N GLU B 98 0.61 -6.41 18.49
CA GLU B 98 0.92 -7.76 18.88
C GLU B 98 0.43 -7.99 20.34
N GLY B 99 0.09 -9.16 20.83
CA GLY B 99 -0.50 -9.26 22.17
C GLY B 99 -1.71 -8.41 22.56
N VAL B 100 -2.29 -7.61 21.66
CA VAL B 100 -3.37 -6.64 22.03
C VAL B 100 -4.77 -7.10 21.59
N ALA B 101 -5.80 -6.68 22.35
CA ALA B 101 -7.22 -6.96 22.02
C ALA B 101 -7.46 -8.48 21.86
N TYR B 102 -7.85 -8.95 20.65
CA TYR B 102 -8.10 -10.39 20.41
C TYR B 102 -6.93 -11.32 20.74
N ALA B 103 -5.73 -10.73 20.80
CA ALA B 103 -4.48 -11.44 21.01
C ALA B 103 -4.10 -11.48 22.50
N ALA B 104 -4.75 -10.64 23.30
CA ALA B 104 -4.64 -10.78 24.76
C ALA B 104 -5.49 -11.96 25.25
N PRO B 105 -5.23 -12.47 26.46
CA PRO B 105 -6.22 -13.42 26.97
C PRO B 105 -7.61 -12.78 27.02
N TYR B 106 -8.68 -13.58 26.86
CA TYR B 106 -10.07 -13.08 26.67
C TYR B 106 -10.66 -12.02 27.67
N PRO B 107 -10.46 -12.23 29.01
CA PRO B 107 -10.89 -11.27 30.05
C PRO B 107 -10.22 -9.87 29.92
N ARG B 108 -8.92 -9.86 29.63
CA ARG B 108 -8.15 -8.64 29.42
C ARG B 108 -8.56 -7.97 28.10
N MET B 109 -8.88 -8.79 27.10
CA MET B 109 -9.42 -8.33 25.82
C MET B 109 -10.68 -7.54 26.09
N ARG B 110 -11.49 -8.04 27.03
CA ARG B 110 -12.80 -7.48 27.28
C ARG B 110 -12.67 -6.13 27.99
N GLU B 111 -11.86 -6.08 29.04
CA GLU B 111 -11.53 -4.79 29.67
C GLU B 111 -11.03 -3.76 28.65
N GLN B 112 -10.19 -4.18 27.71
CA GLN B 112 -9.61 -3.26 26.72
C GLN B 112 -10.70 -2.71 25.83
N LEU B 113 -11.63 -3.57 25.42
CA LEU B 113 -12.78 -3.18 24.59
C LEU B 113 -13.74 -2.30 25.34
N ASN B 114 -14.02 -2.69 26.59
CA ASN B 114 -14.89 -1.94 27.48
C ASN B 114 -14.37 -0.55 27.77
N PHE B 115 -13.06 -0.41 27.97
CA PHE B 115 -12.50 0.95 28.13
C PHE B 115 -12.74 1.84 26.90
N LEU B 116 -12.63 1.24 25.70
N LEU B 116 -12.62 1.24 25.71
CA LEU B 116 -12.96 1.92 24.46
CA LEU B 116 -12.95 1.90 24.45
C LEU B 116 -14.46 2.21 24.40
C LEU B 116 -14.46 2.20 24.39
N ALA B 117 -15.26 1.22 24.80
CA ALA B 117 -16.73 1.37 24.88
C ALA B 117 -17.10 2.59 25.72
N GLU B 118 -16.60 2.65 26.95
CA GLU B 118 -16.89 3.75 27.85
C GLU B 118 -16.28 5.12 27.45
N GLU B 119 -15.78 5.20 26.22
CA GLU B 119 -15.39 6.50 25.63
C GLU B 119 -16.31 6.94 24.46
N LEU B 120 -17.26 6.06 24.08
CA LEU B 120 -18.41 6.38 23.17
C LEU B 120 -19.79 6.07 23.79
N THR B 121 -19.95 6.52 25.03
CA THR B 121 -21.14 6.25 25.83
C THR B 121 -21.02 6.94 27.19
N ILE B 122 -21.83 7.98 27.46
CA ILE B 122 -22.57 8.77 26.45
C ILE B 122 -22.77 10.20 26.90
N ALA B 123 -22.19 10.54 28.06
CA ALA B 123 -22.04 11.96 28.41
C ALA B 123 -21.00 12.54 27.47
N LYS B 124 -20.13 11.67 26.93
CA LYS B 124 -19.10 12.09 25.97
C LYS B 124 -19.69 12.69 24.67
N PHE B 125 -20.77 12.08 24.18
CA PHE B 125 -21.52 12.54 22.99
C PHE B 125 -22.00 14.01 22.98
N GLN B 126 -22.07 14.62 24.17
CA GLN B 126 -22.73 15.91 24.31
C GLN B 126 -22.18 17.01 23.36
N ASN B 127 -20.86 17.00 23.15
CA ASN B 127 -20.18 17.96 22.30
C ASN B 127 -19.95 17.51 20.87
N PHE B 128 -20.40 16.30 20.57
CA PHE B 128 -20.13 15.64 19.28
C PHE B 128 -20.85 16.26 18.07
N VAL B 129 -22.17 16.39 18.15
CA VAL B 129 -22.94 17.00 17.06
C VAL B 129 -22.37 18.36 16.62
N PRO B 130 -22.13 19.29 17.57
CA PRO B 130 -21.64 20.57 17.06
C PRO B 130 -20.20 20.51 16.54
N ALA B 131 -19.39 19.58 17.05
CA ALA B 131 -18.04 19.39 16.51
C ALA B 131 -18.07 18.73 15.11
N ILE B 132 -19.04 17.84 14.87
CA ILE B 132 -19.20 17.23 13.55
C ILE B 132 -19.68 18.30 12.55
N GLN B 133 -20.72 19.04 12.90
CA GLN B 133 -21.20 20.15 12.06
C GLN B 133 -20.13 21.16 11.68
N HIS B 134 -19.37 21.62 12.65
CA HIS B 134 -18.30 22.56 12.40
C HIS B 134 -17.37 22.04 11.29
N GLU B 135 -16.94 20.79 11.41
CA GLU B 135 -15.95 20.23 10.51
C GLU B 135 -16.51 20.04 9.14
N VAL B 136 -17.77 19.58 9.07
CA VAL B 136 -18.47 19.48 7.82
C VAL B 136 -18.62 20.86 7.13
N ARG B 137 -19.09 21.87 7.87
CA ARG B 137 -19.22 23.21 7.25
C ARG B 137 -17.85 23.77 6.79
N LYS B 138 -16.81 23.56 7.60
CA LYS B 138 -15.44 23.99 7.25
C LYS B 138 -14.97 23.27 5.98
N PHE B 139 -15.29 21.98 5.86
CA PHE B 139 -14.87 21.23 4.69
C PHE B 139 -15.57 21.69 3.39
N MET B 140 -16.91 21.71 3.42
CA MET B 140 -17.71 22.25 2.33
C MET B 140 -17.28 23.68 1.96
N ALA B 141 -17.04 24.51 2.96
CA ALA B 141 -16.64 25.88 2.72
C ALA B 141 -15.31 26.00 1.97
N GLU B 142 -14.41 25.03 2.15
CA GLU B 142 -13.04 25.11 1.62
C GLU B 142 -12.85 24.31 0.34
N ASN B 143 -13.74 23.36 0.09
CA ASN B 143 -13.59 22.41 -1.00
C ASN B 143 -14.72 22.44 -2.02
N TRP B 144 -15.86 22.92 -1.57
CA TRP B 144 -17.00 23.06 -2.44
C TRP B 144 -17.34 24.55 -2.54
N LYS B 145 -16.35 25.38 -2.89
CA LYS B 145 -16.43 26.84 -2.81
C LYS B 145 -17.23 27.43 -3.97
N GLU B 146 -17.09 26.83 -5.15
CA GLU B 146 -17.78 27.30 -6.35
C GLU B 146 -19.31 27.27 -6.24
N ASP B 147 -19.97 27.79 -7.25
CA ASP B 147 -21.42 27.71 -7.39
C ASP B 147 -21.78 26.24 -7.63
N GLU B 148 -21.00 25.62 -8.48
CA GLU B 148 -21.16 24.23 -8.76
C GLU B 148 -19.82 23.67 -9.23
N GLY B 149 -19.59 22.39 -8.95
CA GLY B 149 -18.34 21.74 -9.32
C GLY B 149 -18.43 20.21 -9.27
N VAL B 150 -17.40 19.56 -9.82
CA VAL B 150 -17.33 18.11 -9.80
C VAL B 150 -16.38 17.57 -8.75
N ILE B 151 -16.93 16.78 -7.84
CA ILE B 151 -16.15 16.13 -6.78
C ILE B 151 -16.25 14.61 -6.89
N ASN B 152 -15.25 13.93 -6.36
CA ASN B 152 -15.36 12.52 -6.13
C ASN B 152 -15.90 12.32 -4.71
N LEU B 153 -17.12 11.83 -4.64
CA LEU B 153 -17.88 11.80 -3.41
C LEU B 153 -17.29 10.84 -2.36
N LEU B 154 -16.68 9.74 -2.82
CA LEU B 154 -16.11 8.76 -1.89
C LEU B 154 -14.84 9.32 -1.23
N GLU B 155 -14.00 10.00 -2.02
CA GLU B 155 -12.83 10.67 -1.45
C GLU B 155 -13.17 11.74 -0.40
N ASP B 156 -14.14 12.60 -0.72
CA ASP B 156 -14.53 13.71 0.17
C ASP B 156 -15.31 13.23 1.40
N CYS B 157 -16.09 12.17 1.27
CA CYS B 157 -16.70 11.60 2.47
C CYS B 157 -15.60 11.07 3.42
N GLY B 158 -14.61 10.40 2.84
CA GLY B 158 -13.36 10.09 3.54
C GLY B 158 -12.73 11.25 4.30
N ALA B 159 -12.53 12.36 3.61
CA ALA B 159 -11.95 13.54 4.31
C ALA B 159 -12.85 14.04 5.47
N MET B 160 -14.16 14.09 5.27
CA MET B 160 -15.13 14.48 6.33
C MET B 160 -15.17 13.55 7.50
N ILE B 161 -15.16 12.26 7.22
CA ILE B 161 -15.15 11.24 8.26
C ILE B 161 -13.90 11.31 9.18
N ILE B 162 -12.66 11.40 8.66
CA ILE B 162 -11.49 11.70 9.52
C ILE B 162 -11.56 13.07 10.27
N ASN B 163 -11.88 14.13 9.54
CA ASN B 163 -12.00 15.44 10.18
C ASN B 163 -12.99 15.50 11.33
N THR B 164 -14.20 14.99 11.11
CA THR B 164 -15.21 14.94 12.18
C THR B 164 -14.85 14.08 13.38
N ALA B 165 -14.38 12.86 13.12
CA ALA B 165 -13.97 11.95 14.25
C ALA B 165 -12.80 12.49 15.07
N CYS B 166 -11.73 12.96 14.40
CA CYS B 166 -10.62 13.64 15.12
C CYS B 166 -11.10 14.77 16.02
N GLN B 167 -12.02 15.59 15.53
CA GLN B 167 -12.48 16.76 16.29
C GLN B 167 -13.37 16.32 17.47
N CYS B 168 -14.04 15.18 17.34
CA CYS B 168 -14.82 14.63 18.45
C CYS B 168 -13.91 13.94 19.48
N LEU B 169 -12.77 13.41 19.05
CA LEU B 169 -12.11 12.50 19.93
C LEU B 169 -10.78 13.01 20.43
N PHE B 170 -10.29 14.10 19.85
CA PHE B 170 -8.97 14.53 20.26
C PHE B 170 -8.90 15.96 20.74
N GLY B 171 -7.95 16.22 21.64
CA GLY B 171 -7.69 17.58 22.09
C GLY B 171 -6.97 18.31 20.98
N GLU B 172 -6.96 19.63 21.05
CA GLU B 172 -6.25 20.50 20.10
C GLU B 172 -4.77 20.10 19.89
N ASP B 173 -4.13 19.71 20.97
CA ASP B 173 -2.70 19.49 20.97
C ASP B 173 -2.35 18.27 20.18
N LEU B 174 -3.14 17.20 20.33
CA LEU B 174 -2.95 15.98 19.54
C LEU B 174 -3.28 16.26 18.08
N ARG B 175 -4.32 17.03 17.83
CA ARG B 175 -4.67 17.47 16.46
C ARG B 175 -3.62 18.39 15.82
N LYS B 176 -2.84 19.10 16.64
CA LYS B 176 -1.84 20.01 16.12
C LYS B 176 -0.65 19.19 15.67
N ARG B 177 -0.31 18.18 16.47
CA ARG B 177 0.82 17.31 16.18
C ARG B 177 0.52 16.20 15.17
N LEU B 178 -0.73 15.74 15.17
CA LEU B 178 -1.15 14.71 14.22
C LEU B 178 -2.36 15.20 13.45
N ASN B 179 -2.15 15.87 12.33
CA ASN B 179 -3.31 16.36 11.59
C ASN B 179 -4.16 15.21 10.98
N ALA B 180 -5.41 15.53 10.63
CA ALA B 180 -6.37 14.59 10.11
C ALA B 180 -5.88 13.86 8.84
N ARG B 181 -5.26 14.60 7.92
CA ARG B 181 -4.78 14.07 6.65
C ARG B 181 -3.65 13.06 6.90
N HIS B 182 -2.71 13.45 7.75
CA HIS B 182 -1.57 12.62 8.18
C HIS B 182 -2.09 11.36 8.86
N PHE B 183 -3.03 11.50 9.81
CA PHE B 183 -3.71 10.35 10.40
C PHE B 183 -4.27 9.43 9.29
N ALA B 184 -4.96 10.01 8.29
CA ALA B 184 -5.63 9.19 7.32
C ALA B 184 -4.58 8.38 6.59
N GLN B 185 -3.49 9.03 6.19
CA GLN B 185 -2.40 8.28 5.56
C GLN B 185 -1.90 7.11 6.41
N LEU B 186 -1.65 7.32 7.69
CA LEU B 186 -1.18 6.18 8.52
C LEU B 186 -2.20 4.99 8.56
N LEU B 187 -3.45 5.34 8.80
CA LEU B 187 -4.56 4.37 8.75
C LEU B 187 -4.62 3.67 7.39
N SER B 188 -4.61 4.45 6.32
CA SER B 188 -4.71 3.90 4.99
C SER B 188 -3.53 2.99 4.62
N LYS B 189 -2.34 3.34 5.06
CA LYS B 189 -1.19 2.52 4.88
C LYS B 189 -1.30 1.20 5.66
N MET B 190 -2.01 1.20 6.82
CA MET B 190 -2.10 -0.02 7.61
C MET B 190 -3.11 -0.88 6.89
N GLU B 191 -4.23 -0.30 6.54
N GLU B 191 -4.21 -0.23 6.55
CA GLU B 191 -5.28 -1.06 5.90
CA GLU B 191 -5.40 -0.71 5.83
C GLU B 191 -4.86 -1.62 4.53
C GLU B 191 -5.04 -1.44 4.51
N SER B 192 -4.23 -0.81 3.67
CA SER B 192 -3.85 -1.39 2.35
C SER B 192 -2.75 -2.52 2.37
N SER B 193 -2.16 -2.76 3.55
CA SER B 193 -1.22 -3.87 3.82
C SER B 193 -1.85 -5.26 3.97
N LEU B 194 -3.14 -5.33 4.31
CA LEU B 194 -3.71 -6.56 4.80
C LEU B 194 -4.01 -7.47 3.62
N ILE B 195 -3.93 -8.77 3.86
CA ILE B 195 -4.17 -9.72 2.81
C ILE B 195 -5.25 -10.64 3.37
N PRO B 196 -6.51 -10.43 2.99
CA PRO B 196 -7.57 -11.20 3.62
C PRO B 196 -7.42 -12.70 3.40
N ALA B 197 -6.72 -13.11 2.36
CA ALA B 197 -6.48 -14.53 2.09
C ALA B 197 -5.88 -15.21 3.31
N ALA B 198 -5.06 -14.48 4.06
CA ALA B 198 -4.32 -15.04 5.15
C ALA B 198 -5.16 -15.42 6.34
N VAL B 199 -6.41 -14.95 6.38
CA VAL B 199 -7.32 -15.21 7.50
C VAL B 199 -7.65 -16.68 7.41
N PHE B 200 -7.59 -17.21 6.18
CA PHE B 200 -7.98 -18.60 5.80
C PHE B 200 -6.76 -19.49 5.55
N MET B 201 -5.65 -18.88 5.13
CA MET B 201 -4.40 -19.61 4.95
C MET B 201 -3.34 -18.87 5.82
N PRO B 202 -3.39 -19.11 7.16
CA PRO B 202 -2.50 -18.42 8.11
C PRO B 202 -1.01 -18.61 7.83
N TRP B 203 -0.62 -19.61 7.05
CA TRP B 203 0.78 -19.74 6.74
C TRP B 203 1.32 -18.58 5.88
N LEU B 204 0.44 -17.91 5.13
CA LEU B 204 0.82 -16.76 4.32
C LEU B 204 1.52 -15.70 5.12
N LEU B 205 1.13 -15.56 6.40
CA LEU B 205 1.74 -14.63 7.38
C LEU B 205 3.18 -15.01 7.85
N ARG B 206 3.64 -16.21 7.58
CA ARG B 206 4.96 -16.57 8.04
C ARG B 206 6.00 -16.26 6.94
N LEU B 207 5.48 -15.57 5.91
CA LEU B 207 6.22 -15.15 4.76
C LEU B 207 6.70 -13.74 5.04
N PRO B 208 7.98 -13.49 4.74
CA PRO B 208 8.41 -12.08 4.78
C PRO B 208 7.65 -11.31 3.67
N LEU B 209 6.91 -10.30 4.08
CA LEU B 209 6.17 -9.49 3.16
C LEU B 209 6.48 -8.00 3.44
N PRO B 210 6.69 -7.19 2.39
CA PRO B 210 6.95 -5.78 2.73
C PRO B 210 5.70 -5.06 3.26
N GLN B 211 4.54 -5.58 2.88
CA GLN B 211 3.27 -5.14 3.38
C GLN B 211 3.22 -5.06 4.94
N SER B 212 3.55 -6.17 5.64
CA SER B 212 3.56 -6.14 7.10
C SER B 212 4.53 -5.15 7.70
N ALA B 213 5.70 -4.98 7.09
CA ALA B 213 6.63 -4.01 7.57
C ALA B 213 6.17 -2.57 7.34
N ARG B 214 5.42 -2.30 6.28
CA ARG B 214 4.82 -0.97 6.06
C ARG B 214 3.82 -0.74 7.19
N CYS B 215 3.11 -1.80 7.55
CA CYS B 215 2.06 -1.70 8.49
C CYS B 215 2.62 -1.49 9.90
N ARG B 216 3.65 -2.21 10.29
CA ARG B 216 4.31 -2.00 11.58
C ARG B 216 4.95 -0.63 11.75
N GLU B 217 5.65 -0.18 10.70
CA GLU B 217 6.29 1.15 10.61
C GLU B 217 5.20 2.25 10.78
N ALA B 218 4.04 2.05 10.18
CA ALA B 218 2.95 3.03 10.30
C ALA B 218 2.46 2.99 11.72
N ARG B 219 2.19 1.80 12.23
CA ARG B 219 1.83 1.71 13.65
C ARG B 219 2.80 2.35 14.62
N ALA B 220 4.10 2.15 14.37
CA ALA B 220 5.17 2.64 15.25
C ALA B 220 5.39 4.13 15.09
N GLU B 221 5.05 4.69 13.92
CA GLU B 221 5.08 6.14 13.83
C GLU B 221 3.99 6.77 14.72
N LEU B 222 2.83 6.12 14.79
CA LEU B 222 1.70 6.61 15.58
C LEU B 222 2.01 6.56 17.11
N GLN B 223 2.44 5.41 17.58
CA GLN B 223 2.83 5.29 18.98
C GLN B 223 3.88 6.34 19.40
N LYS B 224 4.88 6.54 18.53
CA LYS B 224 5.94 7.53 18.76
C LYS B 224 5.34 8.94 18.93
N ILE B 225 4.52 9.37 17.98
CA ILE B 225 3.77 10.64 18.08
C ILE B 225 2.90 10.66 19.33
N LEU B 226 2.13 9.60 19.58
CA LEU B 226 1.28 9.56 20.79
C LEU B 226 2.05 9.61 22.06
N GLY B 227 3.29 9.14 22.03
CA GLY B 227 4.18 9.14 23.20
C GLY B 227 4.72 10.53 23.50
N GLU B 228 4.92 11.31 22.46
CA GLU B 228 5.36 12.71 22.53
C GLU B 228 4.27 13.65 23.04
N ILE B 229 3.02 13.34 22.70
CA ILE B 229 1.83 14.06 23.20
C ILE B 229 1.60 13.86 24.69
N ILE B 230 1.85 12.63 25.14
CA ILE B 230 1.67 12.23 26.52
C ILE B 230 2.74 12.78 27.45
N VAL B 231 3.99 12.86 26.98
CA VAL B 231 5.03 13.54 27.77
C VAL B 231 4.75 15.04 27.78
N ALA B 232 4.56 15.65 26.62
CA ALA B 232 4.13 17.05 26.58
C ALA B 232 2.97 17.26 27.54
N ARG B 233 1.96 16.38 27.48
CA ARG B 233 0.72 16.60 28.23
C ARG B 233 0.91 16.47 29.75
N GLU B 234 1.96 15.74 30.15
CA GLU B 234 2.28 15.55 31.56
C GLU B 234 3.06 16.73 32.16
N LYS B 235 2.95 17.90 31.52
CA LYS B 235 3.51 19.13 32.08
C LYS B 235 2.41 20.22 32.10
N GLU B 236 1.55 20.19 33.14
CA GLU B 236 0.29 21.01 33.24
C GLU B 236 0.36 22.50 32.82
N ASP B 246 -11.06 13.72 26.51
CA ASP B 246 -10.93 13.14 25.14
C ASP B 246 -10.45 11.66 25.13
N LEU B 247 -10.69 10.99 24.03
CA LEU B 247 -10.29 9.56 23.91
C LEU B 247 -8.96 9.23 24.55
N LEU B 248 -7.87 9.90 24.14
CA LEU B 248 -6.52 9.56 24.64
C LEU B 248 -6.44 9.61 26.17
N GLY B 249 -6.85 10.73 26.75
CA GLY B 249 -6.83 10.93 28.19
C GLY B 249 -7.73 10.00 28.98
N GLY B 250 -8.64 9.30 28.30
CA GLY B 250 -9.50 8.29 28.96
C GLY B 250 -8.68 7.04 29.25
N LEU B 251 -8.00 6.55 28.22
CA LEU B 251 -7.25 5.31 28.29
C LEU B 251 -6.00 5.48 29.14
N LEU B 252 -5.39 6.66 29.06
CA LEU B 252 -4.40 7.09 30.02
C LEU B 252 -4.86 6.87 31.46
N LYS B 253 -6.15 7.15 31.72
CA LYS B 253 -6.79 7.07 33.04
C LYS B 253 -7.33 5.68 33.37
N ALA B 254 -7.34 4.79 32.40
CA ALA B 254 -7.93 3.47 32.62
C ALA B 254 -7.07 2.59 33.56
N VAL B 255 -7.70 2.10 34.62
CA VAL B 255 -7.04 1.08 35.43
C VAL B 255 -7.79 -0.25 35.30
N TYR B 256 -7.06 -1.28 34.87
CA TYR B 256 -7.60 -2.66 34.83
C TYR B 256 -8.10 -3.15 36.20
N ARG B 257 -8.84 -4.26 36.16
CA ARG B 257 -9.30 -5.01 37.34
C ARG B 257 -8.21 -5.18 38.40
N ASP B 258 -7.04 -5.64 37.97
CA ASP B 258 -5.91 -5.79 38.88
C ASP B 258 -5.42 -4.38 39.22
N GLY B 259 -4.28 -4.23 39.87
CA GLY B 259 -3.87 -2.83 40.09
C GLY B 259 -3.46 -1.97 38.89
N THR B 260 -3.16 -2.59 37.75
CA THR B 260 -2.32 -2.00 36.70
C THR B 260 -3.01 -1.10 35.66
N ARG B 261 -2.22 -0.22 35.07
CA ARG B 261 -2.59 0.71 34.01
C ARG B 261 -2.15 0.24 32.61
N MET B 262 -2.75 0.77 31.56
CA MET B 262 -2.32 0.44 30.19
C MET B 262 -0.92 0.93 29.85
N SER B 263 -0.16 0.05 29.20
CA SER B 263 1.11 0.36 28.54
C SER B 263 0.92 1.27 27.35
N LEU B 264 1.92 2.06 26.99
CA LEU B 264 1.80 2.87 25.74
C LEU B 264 1.27 2.00 24.55
N HIS B 265 1.86 0.81 24.38
CA HIS B 265 1.51 -0.18 23.31
C HIS B 265 0.01 -0.50 23.19
N GLU B 266 -0.63 -0.83 24.31
CA GLU B 266 -2.08 -0.98 24.37
C GLU B 266 -2.87 0.33 24.14
N VAL B 267 -2.37 1.49 24.62
CA VAL B 267 -3.08 2.76 24.44
C VAL B 267 -3.10 3.06 22.96
N CYS B 268 -1.93 3.05 22.34
CA CYS B 268 -1.83 3.02 20.88
C CYS B 268 -2.80 1.99 20.31
N GLY B 269 -2.77 0.76 20.81
CA GLY B 269 -3.74 -0.26 20.28
C GLY B 269 -5.25 0.16 20.18
N MET B 270 -5.77 0.74 21.26
CA MET B 270 -7.21 1.04 21.32
C MET B 270 -7.58 2.27 20.52
N ILE B 271 -6.66 3.22 20.42
CA ILE B 271 -6.80 4.38 19.52
C ILE B 271 -6.77 3.93 18.03
N VAL B 272 -5.75 3.17 17.64
CA VAL B 272 -5.70 2.55 16.32
C VAL B 272 -6.93 1.73 16.00
N ALA B 273 -7.41 0.95 16.99
CA ALA B 273 -8.60 0.09 16.71
C ALA B 273 -9.90 0.91 16.46
N ALA B 274 -10.12 1.93 17.30
CA ALA B 274 -11.32 2.72 17.16
C ALA B 274 -11.27 3.53 15.87
N MET B 275 -10.11 4.07 15.47
CA MET B 275 -10.06 4.91 14.26
C MET B 275 -9.99 4.05 13.01
N PHE B 276 -9.12 3.04 13.01
CA PHE B 276 -9.18 2.03 11.98
C PHE B 276 -10.63 1.51 11.76
N ALA B 277 -11.33 1.17 12.84
CA ALA B 277 -12.69 0.70 12.68
C ALA B 277 -13.67 1.66 11.91
N GLY B 278 -13.76 2.90 12.39
CA GLY B 278 -14.70 3.86 11.86
C GLY B 278 -14.33 4.44 10.52
N GLN B 279 -13.04 4.62 10.25
CA GLN B 279 -12.59 5.35 9.08
C GLN B 279 -13.16 4.83 7.75
N HIS B 280 -12.98 3.54 7.43
CA HIS B 280 -13.43 3.08 6.10
C HIS B 280 -14.94 2.70 6.11
N THR B 281 -15.44 2.10 7.17
CA THR B 281 -16.86 1.69 7.22
C THR B 281 -17.87 2.87 7.18
N SER B 282 -17.62 3.88 7.96
CA SER B 282 -18.51 5.06 7.99
C SER B 282 -18.42 5.89 6.72
N THR B 283 -17.20 6.04 6.22
CA THR B 283 -16.96 6.65 4.91
C THR B 283 -17.80 5.98 3.83
N ILE B 284 -17.72 4.66 3.73
CA ILE B 284 -18.53 3.88 2.77
C ILE B 284 -20.06 4.05 2.97
N THR B 285 -20.46 4.13 4.23
CA THR B 285 -21.88 4.25 4.56
C THR B 285 -22.40 5.64 4.24
N THR B 286 -21.63 6.67 4.57
CA THR B 286 -22.02 8.03 4.24
C THR B 286 -22.13 8.11 2.69
N SER B 287 -21.10 7.60 1.98
CA SER B 287 -21.12 7.64 0.50
C SER B 287 -22.31 6.88 -0.11
N TRP B 288 -22.51 5.64 0.31
CA TRP B 288 -23.69 4.92 -0.16
C TRP B 288 -24.95 5.78 0.11
N SER B 289 -25.12 6.22 1.35
CA SER B 289 -26.36 6.91 1.71
C SER B 289 -26.66 8.08 0.78
N MET B 290 -25.63 8.87 0.48
CA MET B 290 -25.82 10.04 -0.35
C MET B 290 -26.14 9.59 -1.81
N LEU B 291 -25.43 8.59 -2.29
CA LEU B 291 -25.57 8.11 -3.66
C LEU B 291 -27.02 7.69 -3.88
N HIS B 292 -27.56 6.89 -2.98
CA HIS B 292 -28.95 6.55 -3.13
C HIS B 292 -29.78 7.82 -3.10
N LEU B 293 -29.60 8.64 -2.10
CA LEU B 293 -30.53 9.75 -1.89
C LEU B 293 -30.54 10.73 -3.08
N MET B 294 -29.39 10.95 -3.70
CA MET B 294 -29.30 11.83 -4.87
C MET B 294 -29.78 11.21 -6.19
N HIS B 295 -29.95 9.89 -6.28
CA HIS B 295 -30.37 9.32 -7.54
C HIS B 295 -31.83 9.70 -7.84
N PRO B 296 -32.13 10.14 -9.11
CA PRO B 296 -33.45 10.63 -9.53
C PRO B 296 -34.60 9.74 -9.09
N LYS B 297 -34.42 8.42 -9.19
CA LYS B 297 -35.47 7.45 -8.85
C LYS B 297 -35.78 7.48 -7.35
N ASN B 298 -34.87 8.05 -6.57
CA ASN B 298 -35.05 8.05 -5.15
C ASN B 298 -35.59 9.41 -4.70
N LYS B 299 -36.17 10.17 -5.64
CA LYS B 299 -36.79 11.47 -5.34
C LYS B 299 -37.72 11.45 -4.13
N LYS B 300 -38.64 10.48 -4.14
CA LYS B 300 -39.53 10.19 -3.02
C LYS B 300 -38.82 10.26 -1.67
N TRP B 301 -37.65 9.60 -1.58
CA TRP B 301 -36.90 9.57 -0.33
C TRP B 301 -36.10 10.82 -0.06
N LEU B 302 -35.52 11.43 -1.09
CA LEU B 302 -34.84 12.71 -0.90
C LEU B 302 -35.77 13.82 -0.36
N ASP B 303 -37.02 13.85 -0.87
CA ASP B 303 -38.08 14.74 -0.32
C ASP B 303 -38.41 14.46 1.16
N LYS B 304 -38.54 13.18 1.51
CA LYS B 304 -38.85 12.83 2.89
C LYS B 304 -37.73 13.31 3.81
N LEU B 305 -36.48 13.17 3.37
CA LEU B 305 -35.35 13.61 4.14
C LEU B 305 -35.35 15.10 4.34
N HIS B 306 -35.45 15.87 3.27
CA HIS B 306 -35.63 17.33 3.40
C HIS B 306 -36.77 17.72 4.35
N LYS B 307 -37.89 16.97 4.32
CA LYS B 307 -39.01 17.23 5.24
C LYS B 307 -38.68 16.92 6.72
N GLU B 308 -37.78 15.97 6.96
CA GLU B 308 -37.30 15.73 8.31
C GLU B 308 -36.35 16.83 8.78
N ILE B 309 -35.41 17.24 7.91
CA ILE B 309 -34.27 18.08 8.32
C ILE B 309 -34.52 19.57 8.26
N ASP B 310 -35.45 19.98 7.39
CA ASP B 310 -35.77 21.39 7.23
C ASP B 310 -36.59 21.89 8.44
N GLU B 311 -36.92 20.98 9.36
CA GLU B 311 -37.60 21.31 10.62
C GLU B 311 -36.63 21.99 11.61
N PHE B 312 -35.35 21.66 11.47
CA PHE B 312 -34.35 21.94 12.48
C PHE B 312 -33.62 23.26 12.23
N PRO B 313 -33.04 23.85 13.29
CA PRO B 313 -32.18 25.05 13.20
C PRO B 313 -30.79 24.83 12.56
N ALA B 314 -30.06 25.92 12.32
CA ALA B 314 -28.71 25.85 11.73
C ALA B 314 -27.72 25.11 12.63
N GLN B 315 -27.82 25.34 13.94
CA GLN B 315 -27.07 24.56 14.92
C GLN B 315 -27.93 23.41 15.48
N LEU B 316 -27.46 22.18 15.24
CA LEU B 316 -28.11 20.96 15.73
C LEU B 316 -27.55 20.57 17.10
N ASN B 317 -28.28 19.71 17.80
CA ASN B 317 -27.83 19.16 19.08
C ASN B 317 -28.00 17.65 19.19
N TYR B 318 -27.52 17.06 20.28
CA TYR B 318 -27.66 15.63 20.57
C TYR B 318 -29.09 15.14 20.30
N ASP B 319 -30.07 15.83 20.88
CA ASP B 319 -31.47 15.45 20.77
C ASP B 319 -32.01 15.49 19.34
N ASN B 320 -31.68 16.54 18.59
CA ASN B 320 -31.98 16.60 17.17
C ASN B 320 -31.56 15.33 16.40
N VAL B 321 -30.28 15.01 16.45
CA VAL B 321 -29.76 13.87 15.70
C VAL B 321 -30.22 12.51 16.25
N MET B 322 -30.39 12.42 17.57
CA MET B 322 -30.60 11.14 18.27
C MET B 322 -32.04 10.62 18.31
N ASP B 323 -32.95 11.45 18.79
CA ASP B 323 -34.32 11.03 19.01
C ASP B 323 -35.26 11.53 17.92
N GLU B 324 -34.77 12.43 17.09
CA GLU B 324 -35.65 13.11 16.14
C GLU B 324 -35.27 13.01 14.64
N MET B 325 -34.46 12.00 14.30
CA MET B 325 -34.17 11.72 12.88
C MET B 325 -34.35 10.24 12.54
N PRO B 326 -35.56 9.67 12.79
CA PRO B 326 -35.72 8.26 12.52
C PRO B 326 -35.66 8.00 11.03
N PHE B 327 -36.00 8.98 10.16
CA PHE B 327 -35.94 8.73 8.71
C PHE B 327 -34.52 8.68 8.13
N ALA B 328 -33.69 9.66 8.43
CA ALA B 328 -32.27 9.58 8.08
C ALA B 328 -31.62 8.24 8.55
N GLU B 329 -31.91 7.81 9.76
CA GLU B 329 -31.38 6.55 10.24
C GLU B 329 -31.79 5.40 9.31
N ARG B 330 -33.07 5.33 8.94
CA ARG B 330 -33.55 4.26 8.08
C ARG B 330 -32.76 4.24 6.80
N CYS B 331 -32.44 5.44 6.32
CA CYS B 331 -31.61 5.67 5.16
C CYS B 331 -30.17 5.14 5.38
N VAL B 332 -29.57 5.39 6.53
CA VAL B 332 -28.22 4.90 6.75
C VAL B 332 -28.25 3.36 6.84
N ARG B 333 -29.20 2.86 7.60
CA ARG B 333 -29.34 1.46 7.95
C ARG B 333 -29.63 0.64 6.71
N GLU B 334 -30.46 1.17 5.81
CA GLU B 334 -30.75 0.47 4.56
C GLU B 334 -29.54 0.48 3.63
N SER B 335 -28.75 1.57 3.66
CA SER B 335 -27.48 1.55 2.87
C SER B 335 -26.53 0.44 3.27
N ILE B 336 -26.38 0.21 4.59
CA ILE B 336 -25.59 -0.88 5.15
C ILE B 336 -26.21 -2.26 4.95
N ARG B 337 -27.53 -2.31 5.01
CA ARG B 337 -28.29 -3.47 4.67
C ARG B 337 -28.04 -3.85 3.17
N ARG B 338 -28.22 -2.96 2.22
CA ARG B 338 -28.00 -3.40 0.83
C ARG B 338 -26.52 -3.78 0.58
N ASP B 339 -25.60 -3.01 1.15
CA ASP B 339 -24.19 -3.21 0.88
C ASP B 339 -23.37 -3.15 2.15
N PRO B 340 -23.37 -4.19 2.92
CA PRO B 340 -22.62 -4.04 4.18
C PRO B 340 -21.14 -3.90 3.85
N PRO B 341 -20.45 -2.96 4.52
CA PRO B 341 -19.03 -2.84 4.26
C PRO B 341 -18.23 -4.03 4.77
N LEU B 342 -18.64 -4.64 5.89
CA LEU B 342 -17.93 -5.84 6.36
C LEU B 342 -18.73 -7.04 5.93
N LEU B 343 -18.16 -7.80 5.02
CA LEU B 343 -18.95 -8.85 4.33
C LEU B 343 -19.19 -10.14 5.16
N MET B 344 -18.23 -10.49 5.99
CA MET B 344 -18.18 -11.78 6.63
C MET B 344 -17.74 -11.63 8.09
N VAL B 345 -18.55 -12.17 9.03
CA VAL B 345 -18.20 -12.28 10.46
C VAL B 345 -17.84 -13.73 10.68
N MET B 346 -16.74 -13.95 11.37
CA MET B 346 -16.05 -15.22 11.41
C MET B 346 -15.52 -15.65 12.78
N ARG B 347 -15.51 -16.96 13.01
CA ARG B 347 -14.95 -17.53 14.22
C ARG B 347 -14.30 -18.85 13.90
N MET B 348 -13.36 -19.26 14.75
CA MET B 348 -12.79 -20.61 14.69
C MET B 348 -13.60 -21.53 15.62
N VAL B 349 -14.05 -22.66 15.05
CA VAL B 349 -14.87 -23.62 15.77
C VAL B 349 -13.95 -24.46 16.67
N LYS B 350 -13.89 -24.12 17.96
CA LYS B 350 -13.08 -24.86 18.92
C LYS B 350 -13.81 -26.10 19.48
N ALA B 351 -15.13 -26.02 19.64
CA ALA B 351 -15.94 -27.20 19.93
C ALA B 351 -17.12 -27.31 18.96
N GLU B 352 -17.36 -28.53 18.45
CA GLU B 352 -18.43 -28.77 17.46
C GLU B 352 -19.77 -28.09 17.84
N VAL B 353 -20.52 -27.58 16.85
CA VAL B 353 -21.74 -26.81 17.16
C VAL B 353 -22.95 -27.14 16.29
N LYS B 354 -24.13 -27.20 16.92
CA LYS B 354 -25.37 -27.43 16.16
C LYS B 354 -25.84 -26.12 15.51
N VAL B 355 -25.88 -26.13 14.19
CA VAL B 355 -26.44 -25.03 13.44
C VAL B 355 -27.62 -25.55 12.60
N GLY B 356 -28.84 -25.24 13.01
CA GLY B 356 -30.07 -25.82 12.42
C GLY B 356 -30.04 -27.32 12.61
N SER B 357 -30.28 -28.08 11.54
CA SER B 357 -29.77 -29.45 11.47
C SER B 357 -28.26 -29.28 11.23
N TYR B 358 -27.53 -30.35 11.02
CA TYR B 358 -26.07 -30.24 10.90
C TYR B 358 -25.36 -29.84 12.17
N VAL B 359 -24.12 -30.29 12.24
CA VAL B 359 -23.17 -29.93 13.27
C VAL B 359 -21.91 -29.45 12.50
N VAL B 360 -21.34 -28.33 12.94
CA VAL B 360 -20.12 -27.78 12.35
C VAL B 360 -19.01 -28.35 13.20
N PRO B 361 -18.13 -29.13 12.58
CA PRO B 361 -16.98 -29.82 13.19
C PRO B 361 -15.91 -28.89 13.74
N LYS B 362 -15.24 -29.35 14.79
CA LYS B 362 -14.00 -28.73 15.27
C LYS B 362 -13.05 -28.38 14.12
N GLY B 363 -12.49 -27.17 14.15
CA GLY B 363 -11.43 -26.76 13.21
C GLY B 363 -11.91 -26.11 11.92
N ASP B 364 -13.22 -26.05 11.75
CA ASP B 364 -13.87 -25.26 10.69
C ASP B 364 -13.85 -23.81 11.06
N ILE B 365 -13.77 -22.95 10.03
CA ILE B 365 -14.08 -21.53 10.21
C ILE B 365 -15.58 -21.42 10.00
N ILE B 366 -16.28 -20.94 11.03
CA ILE B 366 -17.70 -20.67 10.91
C ILE B 366 -17.89 -19.17 10.66
N ALA B 367 -18.68 -18.88 9.63
CA ALA B 367 -18.94 -17.54 9.17
C ALA B 367 -20.44 -17.22 9.20
N CYS B 368 -20.74 -15.95 9.45
CA CYS B 368 -22.07 -15.46 9.29
C CYS B 368 -21.90 -14.21 8.42
N SER B 369 -22.53 -14.21 7.24
CA SER B 369 -22.27 -13.16 6.25
C SER B 369 -23.41 -12.18 6.15
N PRO B 370 -23.14 -10.96 6.64
CA PRO B 370 -24.06 -9.85 6.38
C PRO B 370 -24.35 -9.75 4.88
N LEU B 371 -23.34 -9.89 4.05
CA LEU B 371 -23.61 -9.67 2.62
C LEU B 371 -24.69 -10.63 2.14
N LEU B 372 -24.54 -11.92 2.49
CA LEU B 372 -25.42 -12.98 2.08
C LEU B 372 -26.79 -12.98 2.80
N SER B 373 -26.82 -12.77 4.13
CA SER B 373 -28.09 -12.68 4.87
C SER B 373 -28.86 -11.43 4.56
N HIS B 374 -28.21 -10.36 4.17
CA HIS B 374 -28.98 -9.18 3.78
C HIS B 374 -29.62 -9.36 2.40
N HIS B 375 -29.37 -10.50 1.75
CA HIS B 375 -29.99 -10.81 0.47
C HIS B 375 -30.83 -12.10 0.42
N ASP B 376 -31.21 -12.58 1.59
CA ASP B 376 -32.13 -13.69 1.69
C ASP B 376 -33.52 -13.16 1.28
N GLU B 377 -34.13 -13.76 0.24
CA GLU B 377 -35.50 -13.37 -0.14
C GLU B 377 -36.45 -13.35 1.02
N GLU B 378 -36.31 -14.24 2.01
CA GLU B 378 -37.29 -14.25 3.09
C GLU B 378 -37.21 -13.02 3.98
N ALA B 379 -36.03 -12.77 4.53
CA ALA B 379 -35.76 -11.58 5.35
C ALA B 379 -35.83 -10.20 4.64
N PHE B 380 -35.37 -10.14 3.40
CA PHE B 380 -35.29 -8.88 2.69
C PHE B 380 -35.81 -9.07 1.25
N PRO B 381 -37.12 -9.26 1.11
CA PRO B 381 -37.73 -9.35 -0.24
C PRO B 381 -37.19 -8.28 -1.18
N ASN B 382 -36.88 -8.69 -2.43
CA ASN B 382 -36.31 -7.83 -3.49
C ASN B 382 -35.06 -7.02 -3.00
N PRO B 383 -34.01 -7.74 -2.54
CA PRO B 383 -32.97 -7.13 -1.74
C PRO B 383 -32.05 -6.17 -2.46
N ARG B 384 -32.09 -6.14 -3.79
CA ARG B 384 -31.20 -5.20 -4.48
C ARG B 384 -31.88 -3.81 -4.61
N LEU B 385 -33.12 -3.72 -4.16
CA LEU B 385 -33.88 -2.45 -4.04
C LEU B 385 -33.45 -1.70 -2.77
N TRP B 386 -32.98 -0.48 -2.91
CA TRP B 386 -32.79 0.35 -1.71
C TRP B 386 -34.11 1.00 -1.36
N ASP B 387 -34.68 0.52 -0.29
CA ASP B 387 -35.97 0.96 0.21
C ASP B 387 -35.86 1.21 1.72
N PRO B 388 -35.64 2.47 2.12
CA PRO B 388 -35.35 2.77 3.54
C PRO B 388 -36.52 2.51 4.52
N GLU B 389 -37.74 2.41 3.97
CA GLU B 389 -38.90 2.14 4.78
C GLU B 389 -39.13 0.63 5.03
N ARG B 390 -38.27 -0.22 4.49
CA ARG B 390 -38.41 -1.64 4.67
C ARG B 390 -37.99 -2.07 6.10
N ASP B 391 -38.36 -3.29 6.48
CA ASP B 391 -37.91 -3.87 7.73
C ASP B 391 -37.65 -5.34 7.53
N GLU B 392 -36.70 -5.87 8.28
CA GLU B 392 -36.40 -7.30 8.23
C GLU B 392 -37.69 -8.03 8.52
N LYS B 393 -37.99 -9.04 7.71
CA LYS B 393 -39.13 -9.93 7.96
C LYS B 393 -38.71 -11.16 8.78
N VAL B 394 -37.40 -11.39 8.94
CA VAL B 394 -36.91 -12.39 9.88
C VAL B 394 -36.16 -11.66 10.94
N ASP B 395 -36.65 -11.79 12.18
CA ASP B 395 -36.04 -11.19 13.38
C ASP B 395 -34.52 -11.48 13.49
N GLY B 396 -33.71 -10.42 13.52
CA GLY B 396 -32.27 -10.59 13.67
C GLY B 396 -31.56 -10.63 12.36
N ALA B 397 -32.30 -10.57 11.26
CA ALA B 397 -31.72 -10.82 9.94
C ALA B 397 -30.63 -9.84 9.64
N PHE B 398 -30.93 -8.56 9.85
CA PHE B 398 -29.94 -7.49 9.74
C PHE B 398 -28.79 -7.68 10.76
N ILE B 399 -27.54 -7.83 10.28
CA ILE B 399 -26.38 -8.09 11.14
C ILE B 399 -25.20 -7.28 10.68
N GLY B 400 -25.52 -6.11 10.11
CA GLY B 400 -24.55 -5.16 9.59
C GLY B 400 -23.56 -4.68 10.60
N PHE B 401 -24.00 -4.56 11.86
CA PHE B 401 -23.09 -4.20 12.97
C PHE B 401 -22.89 -5.38 13.92
N GLY B 402 -23.06 -6.63 13.43
CA GLY B 402 -22.86 -7.83 14.24
C GLY B 402 -23.96 -7.96 15.30
N ALA B 403 -23.70 -8.78 16.31
CA ALA B 403 -24.67 -9.09 17.39
C ALA B 403 -23.97 -9.90 18.47
N GLY B 404 -24.62 -10.14 19.60
CA GLY B 404 -24.07 -11.03 20.62
C GLY B 404 -22.87 -10.43 21.33
N VAL B 405 -21.98 -11.25 21.81
CA VAL B 405 -20.84 -10.72 22.58
C VAL B 405 -19.91 -9.80 21.78
N HIS B 406 -19.87 -9.93 20.44
CA HIS B 406 -18.97 -9.06 19.72
C HIS B 406 -19.58 -7.90 18.91
N LYS B 407 -20.87 -7.63 19.09
CA LYS B 407 -21.51 -6.46 18.43
C LYS B 407 -20.71 -5.18 18.44
N CYS B 408 -20.75 -4.47 17.31
CA CYS B 408 -20.04 -3.23 17.16
C CYS B 408 -20.16 -2.25 18.32
N ILE B 409 -19.04 -1.75 18.84
CA ILE B 409 -19.23 -0.70 19.84
C ILE B 409 -19.10 0.77 19.34
N GLY B 410 -18.83 0.96 18.05
CA GLY B 410 -18.94 2.27 17.45
C GLY B 410 -20.30 2.52 16.81
N GLN B 411 -21.22 1.58 16.97
CA GLN B 411 -22.49 1.69 16.26
C GLN B 411 -23.11 3.04 16.53
N LYS B 412 -23.20 3.41 17.78
CA LYS B 412 -23.94 4.61 18.08
C LYS B 412 -23.22 5.79 17.53
N PHE B 413 -21.90 5.80 17.69
CA PHE B 413 -21.14 6.90 17.17
C PHE B 413 -21.24 7.01 15.63
N ALA B 414 -21.13 5.85 14.96
CA ALA B 414 -21.24 5.77 13.49
C ALA B 414 -22.53 6.39 12.97
N LEU B 415 -23.67 5.99 13.53
CA LEU B 415 -24.98 6.49 13.04
C LEU B 415 -25.10 7.99 13.29
N LEU B 416 -24.75 8.44 14.48
CA LEU B 416 -24.78 9.85 14.73
C LEU B 416 -23.90 10.68 13.79
N GLN B 417 -22.72 10.18 13.47
CA GLN B 417 -21.80 10.86 12.55
C GLN B 417 -22.38 10.98 11.13
N VAL B 418 -22.89 9.87 10.61
CA VAL B 418 -23.40 9.83 9.27
C VAL B 418 -24.68 10.70 9.19
N LYS B 419 -25.55 10.57 10.18
CA LYS B 419 -26.82 11.31 10.17
C LYS B 419 -26.53 12.79 10.21
N THR B 420 -25.56 13.18 11.05
CA THR B 420 -25.21 14.60 11.23
C THR B 420 -24.61 15.15 9.94
N ILE B 421 -23.83 14.33 9.22
CA ILE B 421 -23.26 14.79 7.95
C ILE B 421 -24.36 15.01 6.93
N LEU B 422 -25.29 14.04 6.86
CA LEU B 422 -26.37 14.05 5.84
C LEU B 422 -27.25 15.26 6.07
N ALA B 423 -27.52 15.51 7.34
CA ALA B 423 -28.28 16.68 7.75
C ALA B 423 -27.55 17.94 7.32
N THR B 424 -26.22 17.96 7.44
CA THR B 424 -25.46 19.17 7.14
C THR B 424 -25.17 19.36 5.66
N ALA B 425 -24.77 18.30 4.97
CA ALA B 425 -24.56 18.38 3.53
C ALA B 425 -25.83 18.80 2.75
N PHE B 426 -26.95 18.09 2.95
CA PHE B 426 -28.11 18.25 2.08
C PHE B 426 -28.92 19.53 2.33
N ARG B 427 -28.76 20.12 3.51
CA ARG B 427 -29.32 21.42 3.80
C ARG B 427 -28.65 22.51 2.98
N GLU B 428 -27.44 22.24 2.52
CA GLU B 428 -26.58 23.25 1.94
C GLU B 428 -26.28 23.06 0.45
N TYR B 429 -26.40 21.82 0.00
CA TYR B 429 -26.06 21.46 -1.38
C TYR B 429 -27.08 20.48 -1.94
N ASP B 430 -27.22 20.51 -3.27
CA ASP B 430 -27.85 19.45 -4.04
C ASP B 430 -26.76 18.72 -4.75
N PHE B 431 -27.03 17.48 -5.13
CA PHE B 431 -26.02 16.67 -5.80
C PHE B 431 -26.62 15.96 -6.99
N GLN B 432 -25.86 15.85 -8.07
CA GLN B 432 -26.28 15.04 -9.21
C GLN B 432 -25.30 13.91 -9.42
N LEU B 433 -25.80 12.68 -9.38
CA LEU B 433 -24.99 11.55 -9.76
C LEU B 433 -24.66 11.69 -11.27
N LEU B 434 -23.36 11.60 -11.60
CA LEU B 434 -22.87 11.81 -12.96
C LEU B 434 -22.84 10.49 -13.70
N ARG B 435 -23.76 9.60 -13.38
CA ARG B 435 -23.69 8.26 -13.89
C ARG B 435 -25.13 7.79 -13.97
N ASP B 436 -25.58 7.13 -15.00
CA ASP B 436 -26.99 6.71 -14.99
C ASP B 436 -27.49 5.87 -13.79
N GLU B 437 -26.64 5.01 -13.27
CA GLU B 437 -27.00 4.14 -12.15
C GLU B 437 -26.14 4.33 -10.88
N VAL B 438 -26.65 3.94 -9.72
CA VAL B 438 -25.83 3.95 -8.50
C VAL B 438 -24.62 3.04 -8.65
N PRO B 439 -23.41 3.47 -8.18
CA PRO B 439 -22.19 2.67 -8.40
C PRO B 439 -22.34 1.23 -8.01
N ASP B 440 -21.65 0.37 -8.74
CA ASP B 440 -21.42 -1.03 -8.35
C ASP B 440 -20.61 -1.12 -7.06
N PRO B 441 -20.90 -2.13 -6.23
CA PRO B 441 -19.96 -2.30 -5.12
C PRO B 441 -18.66 -2.81 -5.69
N ASP B 442 -17.51 -2.31 -5.21
CA ASP B 442 -16.19 -2.84 -5.64
C ASP B 442 -15.70 -3.88 -4.63
N TYR B 443 -15.68 -5.16 -5.04
CA TYR B 443 -15.34 -6.27 -4.14
C TYR B 443 -13.85 -6.61 -4.07
N HIS B 444 -13.00 -5.89 -4.79
CA HIS B 444 -11.54 -6.18 -4.71
C HIS B 444 -10.87 -5.88 -3.36
N THR B 445 -11.51 -5.07 -2.53
CA THR B 445 -10.92 -4.55 -1.30
C THR B 445 -11.49 -5.20 -0.05
N MET B 446 -10.67 -5.29 1.00
CA MET B 446 -11.04 -5.87 2.29
C MET B 446 -12.37 -5.37 2.80
N VAL B 447 -12.49 -4.05 2.99
CA VAL B 447 -13.68 -3.39 3.47
C VAL B 447 -14.30 -2.87 2.18
N VAL B 448 -15.61 -3.10 1.98
CA VAL B 448 -16.17 -2.93 0.62
C VAL B 448 -16.97 -1.68 0.48
N GLY B 449 -16.66 -0.89 -0.53
CA GLY B 449 -17.54 0.26 -0.84
C GLY B 449 -17.96 0.35 -2.29
N PRO B 450 -18.54 1.50 -2.69
CA PRO B 450 -18.92 1.78 -4.03
C PRO B 450 -17.67 1.97 -4.84
N THR B 451 -17.66 1.45 -6.06
CA THR B 451 -16.50 1.59 -6.94
C THR B 451 -16.12 3.05 -7.00
N LEU B 452 -14.86 3.34 -6.63
CA LEU B 452 -14.32 4.70 -6.60
C LEU B 452 -14.49 5.45 -7.96
N ASN B 453 -14.08 4.81 -9.07
CA ASN B 453 -14.37 5.20 -10.47
C ASN B 453 -15.69 5.88 -10.77
N GLN B 454 -16.73 5.42 -10.11
CA GLN B 454 -18.06 5.72 -10.53
C GLN B 454 -18.66 6.72 -9.58
N CYS B 455 -17.85 7.28 -8.70
CA CYS B 455 -18.38 8.20 -7.68
C CYS B 455 -18.28 9.70 -7.99
N LEU B 456 -18.02 10.06 -9.25
CA LEU B 456 -18.00 11.50 -9.61
C LEU B 456 -19.43 12.03 -9.43
N VAL B 457 -19.55 13.12 -8.69
CA VAL B 457 -20.84 13.72 -8.46
C VAL B 457 -20.72 15.22 -8.72
N LYS B 458 -21.82 15.86 -9.11
CA LYS B 458 -21.77 17.30 -9.33
C LYS B 458 -22.51 17.95 -8.17
N TYR B 459 -21.85 18.86 -7.47
CA TYR B 459 -22.54 19.60 -6.42
C TYR B 459 -23.02 20.94 -6.94
N THR B 460 -24.19 21.37 -6.45
CA THR B 460 -24.68 22.72 -6.68
C THR B 460 -24.92 23.35 -5.32
N ARG B 461 -24.19 24.41 -5.01
CA ARG B 461 -24.34 25.11 -3.74
C ARG B 461 -25.66 25.88 -3.67
N LYS B 462 -26.38 25.74 -2.55
CA LYS B 462 -27.73 26.32 -2.41
C LYS B 462 -27.70 27.69 -1.70
N LYS B 463 -26.58 27.97 -1.05
CA LYS B 463 -26.43 29.13 -0.18
C LYS B 463 -25.01 29.71 -0.27
N LYS B 464 -24.76 30.74 0.52
CA LYS B 464 -23.60 31.60 0.32
C LYS B 464 -22.44 31.41 1.31
N LEU B 465 -22.62 32.00 2.49
CA LEU B 465 -21.54 32.64 3.26
C LEU B 465 -20.48 31.74 3.83
N PRO B 466 -19.60 32.35 4.62
CA PRO B 466 -18.33 31.78 5.02
C PRO B 466 -17.71 32.71 6.05
CHA HEM C . 17.59 -2.45 -15.76
CHB HEM C . 19.75 -0.94 -11.77
CHC HEM C . 18.16 3.54 -12.72
CHD HEM C . 15.58 1.99 -16.46
C1A HEM C . 18.34 -2.39 -14.64
C2A HEM C . 19.03 -3.54 -14.05
C3A HEM C . 19.62 -3.13 -12.95
C4A HEM C . 19.31 -1.71 -12.80
CMA HEM C . 20.46 -3.93 -11.90
CAA HEM C . 19.02 -4.95 -14.66
CBA HEM C . 17.64 -5.57 -14.65
CGA HEM C . 17.81 -7.01 -15.02
O1A HEM C . 18.92 -7.47 -15.46
O2A HEM C . 16.79 -7.69 -14.88
C1B HEM C . 19.49 0.39 -11.70
C2B HEM C . 19.96 1.25 -10.64
C3B HEM C . 19.51 2.50 -10.92
C4B HEM C . 18.77 2.45 -12.14
CMB HEM C . 20.81 0.68 -9.48
CAB HEM C . 19.72 3.81 -10.21
CBB HEM C . 20.82 3.94 -9.50
C1C HEM C . 17.32 3.55 -13.80
C2C HEM C . 16.68 4.69 -14.41
C3C HEM C . 15.97 4.26 -15.45
C4C HEM C . 16.14 2.82 -15.54
CMC HEM C . 16.76 6.15 -13.96
CAC HEM C . 15.10 5.15 -16.35
CBC HEM C . 15.09 4.98 -17.70
C1D HEM C . 15.87 0.62 -16.60
C2D HEM C . 15.31 -0.26 -17.60
C3D HEM C . 15.91 -1.62 -17.36
C4D HEM C . 16.80 -1.44 -16.24
CMD HEM C . 14.30 0.02 -18.71
CAD HEM C . 15.71 -2.90 -18.19
CBD HEM C . 16.33 -2.62 -19.59
CGD HEM C . 16.45 -3.93 -20.36
O1D HEM C . 15.73 -4.90 -19.98
O2D HEM C . 17.27 -4.03 -21.34
NA HEM C . 18.52 -1.28 -13.87
NB HEM C . 18.75 1.13 -12.60
NC HEM C . 16.96 2.42 -14.50
ND HEM C . 16.77 -0.09 -15.82
FE HEM C . 17.80 0.61 -14.13
O TPF D . 14.14 -3.66 -11.91
C1 TPF D . 12.95 -2.84 -11.93
C2 TPF D . 11.80 -3.72 -11.52
C5 TPF D . 13.39 -1.66 -11.09
C8 TPF D . 12.61 -2.38 -13.30
N1 TPF D . 12.06 -4.07 -10.16
C3 TPF D . 12.93 -4.93 -9.60
N3 TPF D . 11.26 -3.39 -9.24
N2 TPF D . 12.70 -4.82 -8.26
C4 TPF D . 11.70 -3.89 -8.05
N4 TPF D . 14.54 -0.97 -11.73
C6 TPF D . 15.40 -1.23 -12.68
N6 TPF D . 14.71 0.34 -11.32
N5 TPF D . 16.19 -0.15 -12.84
C7 TPF D . 15.77 0.80 -12.02
C9 TPF D . 11.85 -1.26 -13.55
C13 TPF D . 13.15 -3.26 -14.39
C10 TPF D . 11.64 -0.96 -14.88
C11 TPF D . 12.12 -1.77 -15.92
F1 TPF D . 11.85 -1.44 -17.24
C12 TPF D . 12.88 -2.90 -15.69
F2 TPF D . 13.86 -4.40 -14.06
CHA HEM E . -17.21 -4.54 15.79
CHB HEM E . -19.56 -3.15 11.79
CHC HEM E . -18.30 1.40 12.95
CHD HEM E . -15.57 0.02 16.66
C1A HEM E . -17.99 -4.53 14.64
C2A HEM E . -18.63 -5.72 14.04
C3A HEM E . -19.28 -5.33 12.93
C4A HEM E . -19.08 -3.89 12.80
CMA HEM E . -20.09 -6.21 11.96
CAA HEM E . -18.58 -7.18 14.57
CBA HEM E . -17.16 -7.65 14.72
CGA HEM E . -17.11 -9.14 14.80
O1A HEM E . -18.09 -9.81 15.29
O2A HEM E . -16.04 -9.61 14.34
C1B HEM E . -19.43 -1.78 11.78
C2B HEM E . -19.96 -0.89 10.75
C3B HEM E . -19.63 0.36 11.13
C4B HEM E . -18.85 0.30 12.33
CMB HEM E . -20.82 -1.38 9.56
CAB HEM E . -19.93 1.71 10.48
CBB HEM E . -21.00 1.90 9.70
C1C HEM E . -17.43 1.48 14.02
C2C HEM E . -16.88 2.66 14.61
C3C HEM E . -16.13 2.26 15.64
C4C HEM E . -16.21 0.84 15.75
CMC HEM E . -17.05 4.14 14.13
CAC HEM E . -15.33 3.24 16.50
CBC HEM E . -15.05 2.97 17.79
C1D HEM E . -15.73 -1.35 16.72
C2D HEM E . -15.04 -2.22 17.66
C3D HEM E . -15.52 -3.63 17.39
C4D HEM E . -16.49 -3.48 16.32
CMD HEM E . -13.96 -1.80 18.68
CAD HEM E . -15.12 -4.92 18.12
CBD HEM E . -15.83 -4.93 19.52
CGD HEM E . -15.85 -6.35 20.10
O1D HEM E . -15.22 -7.31 19.53
O2D HEM E . -16.53 -6.59 21.15
NA HEM E . -18.31 -3.44 13.87
NB HEM E . -18.77 -1.00 12.71
NC HEM E . -17.01 0.38 14.73
ND HEM E . -16.58 -2.13 15.96
FE HEM E . -17.78 -1.56 14.27
O TPF F . -13.42 -5.46 11.58
C1 TPF F . -12.49 -4.37 11.73
C2 TPF F . -13.38 -3.38 10.99
C5 TPF F . -11.16 -4.64 11.07
C8 TPF F . -12.24 -4.12 13.18
N1 TPF F . -14.47 -2.80 11.76
C3 TPF F . -15.21 -3.12 12.82
N3 TPF F . -14.80 -1.53 11.29
N2 TPF F . -16.06 -2.07 13.03
C4 TPF F . -15.81 -1.13 12.10
N4 TPF F . -11.46 -5.37 9.86
C6 TPF F . -12.31 -6.36 9.58
N6 TPF F . -10.79 -4.87 8.73
N5 TPF F . -12.18 -6.53 8.25
C7 TPF F . -11.28 -5.64 7.75
C9 TPF F . -11.59 -2.94 13.59
C13 TPF F . -12.74 -5.15 14.14
C10 TPF F . -11.43 -2.72 14.95
C11 TPF F . -11.88 -3.67 15.89
F1 TPF F . -11.63 -3.46 17.24
C12 TPF F . -12.56 -4.85 15.50
F2 TPF F . -13.40 -6.31 13.69
#